data_9EBS
#
_entry.id   9EBS
#
_cell.length_a   1.00
_cell.length_b   1.00
_cell.length_c   1.00
_cell.angle_alpha   90.00
_cell.angle_beta   90.00
_cell.angle_gamma   90.00
#
_symmetry.space_group_name_H-M   'P 1'
#
loop_
_entity.id
_entity.type
_entity.pdbx_description
1 polymer Ubiquitin
2 polymer 'WD repeat-containing protein 48'
3 polymer 'Ubiquitin carboxyl-terminal hydrolase 1'
4 non-polymer 3-(methanesulfonyl)propan-1-amine
5 non-polymer 'ZINC ION'
6 non-polymer 2-(4-cyclopropyl-6-methoxypyrimidin-5-yl)-9-({4-[1-methyl-4-(trifluoromethyl)-1H-imidazol-2-yl]phenyl}methyl)-7-(2,2,2-trifluoroethyl)-7,9-dihydro-8H-purin-8-imine
#
loop_
_entity_poly.entity_id
_entity_poly.type
_entity_poly.pdbx_seq_one_letter_code
_entity_poly.pdbx_strand_id
1 'polypeptide(L)' MQIFVKTLTGKTITLEVEPSDTIENVKAKIQDKEGIPPDQQRLIFAGKQLEDGRTLSDYNIQKESTLHLVLRLRG C
2 'polypeptide(L)'
;MAAHHRQNTAGRRKVQVSYVIRDEVEKYNRNGVNALQLDPALNRLFTAGRDSIIRIWSVNQHKQDPYIASMEHHTDWVND
IVLCCNGKTLISASSDTTVKVWNAHKGFCMSTLRTHKDYVKALAYAKDKELVASAGLDRQIFLWDVNTLTALTASNNTVT
TSSLSGNKDSIYSLAMNQLGTIIVSGSTEKVLRVWDPRTCAKLMKLKGHTDNVKALLLNRDGTQCLSGSSDGTIRLWSLG
QQRCIATYRVHDEGVWALQVNDAFTHVYSGGRDRKIYCTDLRNPDIRVLICEEKAPVLKMELDRSADPPPAIWVATTKST
VNKWTLKGIHNFRASGDYDNDCTNPITPLCTQPDQVIKGGASIIQCHILNDKRHILTKDTNNNVAYWDVLKACKVEDLGK
VDFEDEIKKRFKMVYVPNWFSVDLKTGMLTITLDESDCFAAWVSAKDAGFSSPDGSDPKLNLGGLLLQALLEYWPRTHVN
PMDEEENEVNHVNGEQENRVQKGNGYFQVPPHTPVIFGEAGGRTLFRLLCRDSGGETESMLLNETVPQWVIDITVDKNMP
KFNKIPFYLQPHASSGAKTLKKDRLSASDMLQVRKVMEHVYEKIINLDNESQTTSSSNNEKPGEQEKEEDIAVLAEEKIE
LLCQDQVLDPNMDLRTVKHFIWKSGGDLTLHYRQKSTDYKDDDDK
;
D
3 'polypeptide(L)'
;GMPGVIPSESNGLSRGSPSKKNRLSLKFFQKKETKRALDFTDSQENEEKASEYRASEIDQVVPAAQSSPINCEKRENLLP
FVGLNNLGNTCYLNSILQVLYFCPGFKSGVKHLFNIISRKKEALKDEANQKDKGNCKEDSLASYELICSLQSLIISVEQL
QASFLLNPEKYTDELATQPRRLLNTLRELNPMYEGYLQHDAQEVLQCILGNIQETCQLLKKEEVKNVAELPTKVEEIPHP
KEEMNGINSIEMDSMRHSEDFKEKLPKGNGKRKSDTEFGNMKKKVKLSKEHQSLEENQRQTRSKRKATSDTLESPPKIIP
KYISENESPRPSQKKSRVKINWLKSATKQPSILSKFCSLGKITTNQGVKGQSKENECDPEEDLGKCESDNTTNGCGLESP
GNTVTPVNVNEVKPINKGEEQIGFELVEKLFQGQLVLRTRCLECESLTERREDFQDISVPVQEDELSKVEESSEISPEPK
TEMKTLRWAISQFASVERIVGEDKYFCENCHHYTEAERSLLFDKMPEVITIHLKCFAASGLEFDCYGGGLSKINTPLLTP
LKLSLEEWSTKPTNDSYGLFAVVMHSGITISSGHYTASVKVTDLNSLELDKGNFVVDQMCEIGKPEPLNEEEARGVVENY
NDEEVSIRVGGNTQPSKVLNKKNVEAIGLLAAQKSKADYELYNKASNPDKVASTAFAENRNSETSDTTGTHESDRNKESS
DQTGINISGFENKISYVVQSLKEYEGKWLLFDDSEVKVTEEKDFLNSLSPSTSPTSTPYLLFYKKL
;
E
#
loop_
_chem_comp.id
_chem_comp.type
_chem_comp.name
_chem_comp.formula
A1A4Y non-polymer 3-(methanesulfonyl)propan-1-amine 'C4 H11 N O2 S'
A1BHF non-polymer 2-(4-cyclopropyl-6-methoxypyrimidin-5-yl)-9-({4-[1-methyl-4-(trifluoromethyl)-1H-imidazol-2-yl]phenyl}methyl)-7-(2,2,2-trifluoroethyl)-7,9-dihydro-8H-purin-8-imine 'C27 H23 F6 N9 O'
ZN non-polymer 'ZINC ION' 'Zn 2'
#
# COMPACT_ATOMS: atom_id res chain seq x y z
N MET A 1 5.67 -5.69 5.89
CA MET A 1 5.92 -4.41 5.24
C MET A 1 5.18 -4.32 3.92
N GLN A 2 5.29 -3.16 3.26
CA GLN A 2 4.58 -2.90 2.02
C GLN A 2 5.46 -2.03 1.13
N ILE A 3 5.73 -2.50 -0.10
CA ILE A 3 6.57 -1.78 -1.03
C ILE A 3 5.82 -1.61 -2.35
N PHE A 4 6.25 -0.61 -3.12
CA PHE A 4 5.64 -0.26 -4.38
C PHE A 4 6.54 -0.67 -5.54
N VAL A 5 5.92 -0.92 -6.69
CA VAL A 5 6.63 -1.30 -7.91
C VAL A 5 6.05 -0.51 -9.08
N LYS A 6 6.92 0.08 -9.89
CA LYS A 6 6.51 0.84 -11.07
C LYS A 6 6.64 -0.06 -12.28
N THR A 7 5.51 -0.42 -12.88
CA THR A 7 5.51 -1.35 -14.01
C THR A 7 5.86 -0.62 -15.29
N LEU A 8 5.69 -1.29 -16.43
CA LEU A 8 6.10 -0.71 -17.71
C LEU A 8 5.26 0.50 -18.08
N THR A 9 3.95 0.42 -17.87
CA THR A 9 3.06 1.53 -18.25
C THR A 9 3.27 2.75 -17.36
N GLY A 10 3.88 2.59 -16.19
CA GLY A 10 4.04 3.66 -15.23
C GLY A 10 3.13 3.56 -14.03
N LYS A 11 2.20 2.62 -14.02
CA LYS A 11 1.32 2.43 -12.87
C LYS A 11 2.10 1.83 -11.70
N THR A 12 1.52 1.94 -10.51
CA THR A 12 2.14 1.48 -9.28
C THR A 12 1.44 0.21 -8.80
N ILE A 13 2.22 -0.79 -8.42
CA ILE A 13 1.72 -2.06 -7.94
C ILE A 13 2.25 -2.30 -6.53
N THR A 14 1.38 -2.73 -5.63
CA THR A 14 1.69 -2.87 -4.22
C THR A 14 1.95 -4.34 -3.87
N LEU A 15 3.02 -4.58 -3.12
CA LEU A 15 3.38 -5.91 -2.67
C LEU A 15 3.60 -5.93 -1.17
N GLU A 16 3.27 -7.05 -0.55
CA GLU A 16 3.62 -7.33 0.85
C GLU A 16 4.74 -8.37 0.81
N VAL A 17 5.98 -7.90 0.97
CA VAL A 17 7.13 -8.73 0.63
C VAL A 17 7.69 -9.51 1.81
N GLU A 18 7.40 -9.08 3.06
CA GLU A 18 7.92 -9.77 4.24
C GLU A 18 9.44 -9.86 4.18
N PRO A 19 10.15 -8.77 4.53
CA PRO A 19 11.56 -8.64 4.13
C PRO A 19 12.49 -9.66 4.77
N SER A 20 12.26 -10.93 4.44
CA SER A 20 13.22 -12.00 4.74
C SER A 20 13.34 -12.97 3.57
N ASP A 21 12.71 -12.67 2.44
CA ASP A 21 12.70 -13.53 1.28
C ASP A 21 13.85 -13.18 0.33
N THR A 22 14.04 -14.04 -0.67
CA THR A 22 15.04 -13.82 -1.69
C THR A 22 14.43 -13.03 -2.86
N ILE A 23 15.27 -12.73 -3.85
CA ILE A 23 14.80 -11.98 -5.01
C ILE A 23 13.84 -12.82 -5.85
N GLU A 24 14.03 -14.14 -5.87
CA GLU A 24 13.18 -15.01 -6.68
C GLU A 24 11.73 -14.98 -6.20
N ASN A 25 11.51 -14.94 -4.88
CA ASN A 25 10.15 -14.86 -4.36
C ASN A 25 9.48 -13.55 -4.76
N VAL A 26 10.23 -12.45 -4.69
CA VAL A 26 9.69 -11.15 -5.10
C VAL A 26 9.33 -11.16 -6.58
N LYS A 27 10.21 -11.74 -7.41
CA LYS A 27 9.93 -11.83 -8.83
C LYS A 27 8.73 -12.72 -9.10
N ALA A 28 8.56 -13.78 -8.31
CA ALA A 28 7.39 -14.65 -8.46
C ALA A 28 6.10 -13.90 -8.13
N LYS A 29 6.11 -13.10 -7.06
CA LYS A 29 4.94 -12.29 -6.74
C LYS A 29 4.66 -11.26 -7.84
N ILE A 30 5.72 -10.64 -8.37
CA ILE A 30 5.56 -9.68 -9.46
C ILE A 30 4.95 -10.36 -10.68
N GLN A 31 5.39 -11.58 -10.99
CA GLN A 31 4.82 -12.31 -12.11
C GLN A 31 3.38 -12.72 -11.84
N ASP A 32 3.06 -13.03 -10.58
CA ASP A 32 1.68 -13.35 -10.23
C ASP A 32 0.75 -12.18 -10.47
N LYS A 33 1.19 -10.97 -10.09
CA LYS A 33 0.37 -9.78 -10.28
C LYS A 33 0.58 -9.11 -11.63
N GLU A 34 1.46 -9.63 -12.48
CA GLU A 34 1.78 -8.99 -13.75
C GLU A 34 1.84 -9.94 -14.95
N GLY A 35 2.05 -11.23 -14.76
CA GLY A 35 2.11 -12.16 -15.88
C GLY A 35 3.33 -12.00 -16.79
N ILE A 36 4.50 -11.78 -16.20
CA ILE A 36 5.75 -11.68 -16.94
C ILE A 36 6.69 -12.76 -16.43
N PRO A 37 7.32 -13.54 -17.31
CA PRO A 37 8.18 -14.62 -16.83
C PRO A 37 9.31 -14.08 -15.99
N PRO A 38 9.72 -14.82 -14.94
CA PRO A 38 10.75 -14.30 -14.03
C PRO A 38 12.15 -14.27 -14.62
N ASP A 39 12.37 -14.87 -15.79
CA ASP A 39 13.69 -14.89 -16.40
C ASP A 39 13.95 -13.69 -17.30
N GLN A 40 12.96 -12.82 -17.50
CA GLN A 40 13.12 -11.63 -18.33
C GLN A 40 12.93 -10.34 -17.57
N GLN A 41 12.74 -10.39 -16.26
CA GLN A 41 12.53 -9.19 -15.46
C GLN A 41 13.86 -8.67 -14.93
N ARG A 42 13.98 -7.35 -14.83
CA ARG A 42 15.18 -6.69 -14.31
C ARG A 42 14.73 -5.70 -13.24
N LEU A 43 14.87 -6.09 -11.98
CA LEU A 43 14.53 -5.21 -10.88
C LEU A 43 15.68 -4.26 -10.59
N ILE A 44 15.36 -2.98 -10.43
CA ILE A 44 16.35 -1.94 -10.18
C ILE A 44 15.93 -1.14 -8.96
N PHE A 45 16.83 -1.01 -7.99
CA PHE A 45 16.57 -0.23 -6.79
C PHE A 45 17.76 0.68 -6.51
N ALA A 46 17.48 1.97 -6.31
CA ALA A 46 18.50 2.97 -5.99
C ALA A 46 19.63 2.99 -7.02
N GLY A 47 19.26 2.85 -8.29
CA GLY A 47 20.25 2.86 -9.35
C GLY A 47 21.24 1.71 -9.26
N LYS A 48 20.76 0.51 -8.96
CA LYS A 48 21.63 -0.66 -8.84
C LYS A 48 20.77 -1.90 -8.97
N GLN A 49 21.14 -2.78 -9.90
CA GLN A 49 20.31 -3.96 -10.17
C GLN A 49 20.31 -4.91 -8.99
N LEU A 50 19.15 -5.50 -8.72
CA LEU A 50 18.99 -6.46 -7.64
C LEU A 50 19.40 -7.84 -8.13
N GLU A 51 20.47 -8.39 -7.56
CA GLU A 51 20.98 -9.69 -7.98
C GLU A 51 20.29 -10.81 -7.22
N ASP A 52 20.05 -11.92 -7.91
CA ASP A 52 19.37 -13.05 -7.31
C ASP A 52 20.28 -13.74 -6.29
N GLY A 53 19.67 -14.62 -5.48
CA GLY A 53 20.41 -15.36 -4.48
C GLY A 53 20.74 -14.60 -3.22
N ARG A 54 20.10 -13.45 -2.99
CA ARG A 54 20.37 -12.64 -1.82
C ARG A 54 19.05 -12.17 -1.23
N THR A 55 19.08 -11.85 0.08
CA THR A 55 17.90 -11.39 0.78
C THR A 55 17.69 -9.89 0.50
N LEU A 56 16.80 -9.26 1.27
CA LEU A 56 16.58 -7.83 1.14
C LEU A 56 17.20 -7.00 2.27
N SER A 57 17.62 -7.64 3.36
CA SER A 57 18.23 -6.90 4.46
C SER A 57 19.54 -6.25 4.04
N ASP A 58 20.23 -6.84 3.05
CA ASP A 58 21.48 -6.25 2.58
C ASP A 58 21.23 -4.96 1.82
N TYR A 59 20.14 -4.88 1.08
CA TYR A 59 19.78 -3.68 0.34
C TYR A 59 19.07 -2.64 1.20
N ASN A 60 18.98 -2.87 2.51
CA ASN A 60 18.37 -1.97 3.49
C ASN A 60 17.00 -1.45 3.04
N ILE A 61 16.28 -2.25 2.27
CA ILE A 61 14.93 -1.88 1.84
C ILE A 61 14.02 -1.87 3.06
N GLN A 62 13.35 -0.73 3.28
CA GLN A 62 12.51 -0.56 4.45
C GLN A 62 11.33 0.34 4.11
N LYS A 63 10.28 0.22 4.91
CA LYS A 63 9.06 1.00 4.76
C LYS A 63 8.52 0.91 3.34
N GLU A 64 8.38 2.05 2.67
CA GLU A 64 7.81 2.13 1.34
C GLU A 64 8.94 2.45 0.37
N SER A 65 9.38 1.45 -0.40
CA SER A 65 10.48 1.60 -1.34
C SER A 65 10.01 1.23 -2.73
N THR A 66 10.33 2.08 -3.70
CA THR A 66 9.88 1.90 -5.08
C THR A 66 10.95 1.13 -5.84
N LEU A 67 10.55 0.03 -6.47
CA LEU A 67 11.42 -0.77 -7.32
C LEU A 67 10.97 -0.59 -8.76
N HIS A 68 11.89 -0.15 -9.62
CA HIS A 68 11.56 0.08 -11.02
C HIS A 68 11.65 -1.22 -11.79
N LEU A 69 10.65 -1.49 -12.63
CA LEU A 69 10.59 -2.71 -13.42
C LEU A 69 10.92 -2.39 -14.86
N VAL A 70 11.97 -3.01 -15.39
CA VAL A 70 12.36 -2.88 -16.79
C VAL A 70 12.65 -4.27 -17.33
N LEU A 71 12.51 -4.41 -18.64
CA LEU A 71 12.86 -5.64 -19.33
C LEU A 71 14.28 -5.53 -19.87
N ARG A 72 14.70 -6.53 -20.64
CA ARG A 72 16.03 -6.56 -21.23
C ARG A 72 15.90 -6.58 -22.74
N LEU A 73 16.54 -5.62 -23.40
CA LEU A 73 16.50 -5.47 -24.85
C LEU A 73 17.88 -5.81 -25.39
N ARG A 74 17.98 -6.92 -26.11
CA ARG A 74 19.25 -7.44 -26.57
C ARG A 74 19.56 -6.98 -27.99
N GLY A 75 20.85 -6.94 -28.30
CA GLY A 75 21.32 -6.54 -29.61
C GLY A 75 22.79 -6.86 -29.80
N LYS B 14 -9.80 -18.32 -2.70
CA LYS B 14 -9.99 -16.90 -2.51
C LYS B 14 -10.91 -16.61 -1.34
N VAL B 15 -11.07 -17.60 -0.46
CA VAL B 15 -11.95 -17.50 0.71
C VAL B 15 -11.11 -17.73 1.95
N GLN B 16 -11.24 -16.84 2.92
CA GLN B 16 -10.49 -16.92 4.18
C GLN B 16 -11.46 -16.95 5.35
N VAL B 17 -11.26 -17.90 6.25
CA VAL B 17 -12.03 -17.98 7.49
C VAL B 17 -11.34 -17.16 8.55
N SER B 18 -12.12 -16.47 9.39
CA SER B 18 -11.56 -15.58 10.38
C SER B 18 -12.46 -15.55 11.60
N TYR B 19 -11.89 -15.10 12.72
CA TYR B 19 -12.65 -14.94 13.96
C TYR B 19 -11.94 -13.90 14.82
N VAL B 20 -12.68 -13.35 15.77
CA VAL B 20 -12.18 -12.28 16.62
C VAL B 20 -12.22 -12.71 18.08
N ILE B 21 -11.42 -12.04 18.89
CA ILE B 21 -11.38 -12.27 20.33
C ILE B 21 -11.89 -11.00 21.00
N ARG B 22 -13.01 -11.10 21.70
CA ARG B 22 -13.64 -9.94 22.30
C ARG B 22 -14.43 -10.36 23.53
N ASP B 23 -14.75 -9.38 24.36
CA ASP B 23 -15.55 -9.61 25.56
C ASP B 23 -17.02 -9.78 25.19
N GLU B 24 -17.77 -10.39 26.11
CA GLU B 24 -19.18 -10.67 25.84
C GLU B 24 -19.99 -9.39 25.69
N VAL B 25 -19.76 -8.41 26.55
CA VAL B 25 -20.53 -7.16 26.55
C VAL B 25 -19.53 -6.02 26.42
N GLU B 26 -19.45 -5.43 25.23
CA GLU B 26 -18.62 -4.26 24.99
C GLU B 26 -19.47 -3.02 25.25
N LYS B 27 -19.09 -2.23 26.26
CA LYS B 27 -19.90 -1.12 26.73
C LYS B 27 -19.35 0.25 26.35
N TYR B 28 -18.08 0.35 25.98
CA TYR B 28 -17.46 1.64 25.68
C TYR B 28 -16.83 1.61 24.30
N ASN B 29 -16.70 2.77 23.69
CA ASN B 29 -16.04 2.89 22.40
C ASN B 29 -14.55 2.58 22.54
N ARG B 30 -13.97 2.07 21.46
CA ARG B 30 -12.57 1.66 21.48
C ARG B 30 -11.70 2.39 20.46
N ASN B 31 -12.19 2.59 19.23
CA ASN B 31 -11.36 3.14 18.16
C ASN B 31 -11.69 4.58 17.81
N GLY B 32 -12.94 5.00 17.95
CA GLY B 32 -13.35 6.33 17.58
C GLY B 32 -14.78 6.32 17.12
N VAL B 33 -15.24 7.47 16.60
CA VAL B 33 -16.60 7.64 16.12
C VAL B 33 -16.54 8.21 14.71
N ASN B 34 -17.37 7.66 13.81
CA ASN B 34 -17.41 8.09 12.42
C ASN B 34 -18.67 8.81 12.03
N ALA B 35 -19.81 8.52 12.68
CA ALA B 35 -21.06 9.16 12.33
C ALA B 35 -21.91 9.33 13.59
N LEU B 36 -22.84 10.27 13.52
CA LEU B 36 -23.75 10.55 14.62
C LEU B 36 -25.16 10.74 14.08
N GLN B 37 -26.15 10.47 14.94
CA GLN B 37 -27.54 10.69 14.61
C GLN B 37 -28.29 11.00 15.90
N LEU B 38 -29.44 11.64 15.77
CA LEU B 38 -30.24 12.03 16.91
C LEU B 38 -31.69 11.63 16.69
N ASP B 39 -32.37 11.27 17.77
CA ASP B 39 -33.77 10.85 17.74
C ASP B 39 -34.54 11.67 18.75
N PRO B 40 -34.97 12.88 18.38
CA PRO B 40 -35.68 13.74 19.34
C PRO B 40 -36.99 13.17 19.83
N ALA B 41 -37.60 12.24 19.08
CA ALA B 41 -38.86 11.64 19.53
C ALA B 41 -38.67 10.83 20.80
N LEU B 42 -37.59 10.05 20.87
CA LEU B 42 -37.32 9.19 22.02
C LEU B 42 -36.13 9.63 22.86
N ASN B 43 -35.41 10.67 22.45
CA ASN B 43 -34.23 11.17 23.15
C ASN B 43 -33.16 10.08 23.27
N ARG B 44 -32.70 9.62 22.11
CA ARG B 44 -31.64 8.63 22.02
C ARG B 44 -30.61 9.11 21.00
N LEU B 45 -29.39 8.60 21.15
CA LEU B 45 -28.28 8.97 20.29
C LEU B 45 -27.66 7.70 19.72
N PHE B 46 -27.49 7.67 18.41
CA PHE B 46 -26.88 6.54 17.72
C PHE B 46 -25.45 6.89 17.35
N THR B 47 -24.51 6.05 17.77
CA THR B 47 -23.08 6.29 17.59
C THR B 47 -22.50 5.14 16.77
N ALA B 48 -22.24 5.38 15.50
CA ALA B 48 -21.63 4.40 14.60
C ALA B 48 -20.15 4.75 14.47
N GLY B 49 -19.31 4.05 15.23
CA GLY B 49 -17.90 4.34 15.27
C GLY B 49 -17.08 3.46 14.34
N ARG B 50 -15.75 3.65 14.41
CA ARG B 50 -14.85 2.82 13.66
C ARG B 50 -14.90 1.37 14.13
N ASP B 51 -15.19 1.16 15.41
CA ASP B 51 -15.56 -0.17 15.88
C ASP B 51 -16.85 -0.62 15.20
N SER B 52 -16.94 -1.91 14.90
CA SER B 52 -18.07 -2.43 14.13
C SER B 52 -19.41 -2.31 14.84
N ILE B 53 -19.42 -2.02 16.13
CA ILE B 53 -20.64 -2.02 16.92
C ILE B 53 -21.29 -0.65 16.87
N ILE B 54 -22.62 -0.64 16.81
CA ILE B 54 -23.43 0.58 16.87
C ILE B 54 -24.15 0.60 18.20
N ARG B 55 -24.04 1.70 18.93
CA ARG B 55 -24.58 1.81 20.28
C ARG B 55 -25.68 2.86 20.34
N ILE B 56 -26.60 2.67 21.29
CA ILE B 56 -27.74 3.56 21.47
C ILE B 56 -27.63 4.13 22.87
N TRP B 57 -27.05 5.33 23.00
CA TRP B 57 -26.96 5.98 24.29
C TRP B 57 -28.25 6.73 24.62
N SER B 58 -28.35 7.17 25.87
CA SER B 58 -29.46 8.00 26.33
C SER B 58 -28.91 9.36 26.70
N VAL B 59 -29.46 10.42 26.09
CA VAL B 59 -28.90 11.75 26.20
C VAL B 59 -29.58 12.53 27.33
N ASN B 60 -30.32 11.82 28.18
CA ASN B 60 -30.91 12.45 29.34
C ASN B 60 -29.86 12.60 30.43
N GLN B 61 -29.73 13.81 30.97
CA GLN B 61 -28.67 14.09 31.93
C GLN B 61 -28.84 13.30 33.22
N HIS B 62 -30.08 12.94 33.57
CA HIS B 62 -30.36 12.24 34.81
C HIS B 62 -29.98 10.77 34.77
N LYS B 63 -29.61 10.23 33.60
CA LYS B 63 -29.19 8.84 33.48
C LYS B 63 -27.69 8.76 33.74
N GLN B 64 -27.33 8.22 34.90
CA GLN B 64 -25.91 8.12 35.27
C GLN B 64 -25.19 7.00 34.52
N ASP B 65 -25.92 6.04 33.97
CA ASP B 65 -25.35 4.94 33.20
C ASP B 65 -26.06 4.84 31.87
N PRO B 66 -25.78 5.76 30.95
CA PRO B 66 -26.52 5.82 29.68
C PRO B 66 -26.05 4.74 28.72
N TYR B 67 -26.88 3.71 28.54
CA TYR B 67 -26.58 2.64 27.60
C TYR B 67 -27.80 1.79 27.33
N ILE B 68 -28.05 1.46 26.06
CA ILE B 68 -29.15 0.58 25.67
C ILE B 68 -28.55 -0.47 24.74
N ALA B 69 -29.39 -1.33 24.17
CA ALA B 69 -28.90 -2.46 23.38
C ALA B 69 -28.07 -1.99 22.19
N SER B 70 -27.00 -2.73 21.91
CA SER B 70 -26.12 -2.47 20.79
C SER B 70 -26.49 -3.33 19.60
N MET B 71 -25.96 -2.96 18.43
CA MET B 71 -26.20 -3.67 17.18
C MET B 71 -24.85 -4.06 16.58
N GLU B 72 -24.50 -5.34 16.70
CA GLU B 72 -23.20 -5.84 16.23
C GLU B 72 -23.42 -6.82 15.09
N HIS B 73 -23.30 -6.34 13.86
CA HIS B 73 -23.35 -7.21 12.69
C HIS B 73 -22.33 -6.88 11.61
N HIS B 74 -21.68 -5.72 11.65
CA HIS B 74 -20.70 -5.38 10.65
C HIS B 74 -19.34 -5.98 11.01
N THR B 75 -18.47 -6.09 10.00
CA THR B 75 -17.13 -6.63 10.18
C THR B 75 -16.03 -5.59 10.05
N ASP B 76 -16.36 -4.38 9.64
CA ASP B 76 -15.35 -3.33 9.45
C ASP B 76 -15.94 -2.01 9.92
N TRP B 77 -15.29 -0.91 9.54
CA TRP B 77 -15.75 0.41 9.94
C TRP B 77 -17.17 0.66 9.43
N VAL B 78 -17.89 1.53 10.12
CA VAL B 78 -19.19 2.02 9.68
C VAL B 78 -19.01 3.47 9.27
N ASN B 79 -19.39 3.79 8.03
CA ASN B 79 -19.07 5.10 7.47
C ASN B 79 -20.18 6.12 7.64
N ASP B 80 -21.44 5.71 7.56
CA ASP B 80 -22.55 6.64 7.67
C ASP B 80 -23.82 5.88 8.00
N ILE B 81 -24.65 6.47 8.85
CA ILE B 81 -25.93 5.88 9.24
C ILE B 81 -27.02 6.94 9.07
N VAL B 82 -28.19 6.50 8.62
CA VAL B 82 -29.32 7.39 8.36
C VAL B 82 -30.55 6.82 9.06
N LEU B 83 -31.22 7.67 9.83
CA LEU B 83 -32.44 7.28 10.54
C LEU B 83 -33.64 7.55 9.65
N CYS B 84 -34.32 6.48 9.23
CA CYS B 84 -35.42 6.57 8.28
C CYS B 84 -36.74 6.22 8.93
N CYS B 85 -37.82 6.50 8.19
CA CYS B 85 -39.18 6.09 8.54
C CYS B 85 -39.55 6.51 9.97
N ASN B 86 -39.31 7.78 10.27
CA ASN B 86 -39.66 8.37 11.56
C ASN B 86 -39.02 7.60 12.72
N GLY B 87 -37.75 7.24 12.55
CA GLY B 87 -36.99 6.58 13.60
C GLY B 87 -37.25 5.12 13.77
N LYS B 88 -38.12 4.51 12.95
CA LYS B 88 -38.42 3.09 13.11
C LYS B 88 -37.26 2.22 12.64
N THR B 89 -36.68 2.54 11.49
CA THR B 89 -35.61 1.75 10.91
C THR B 89 -34.34 2.58 10.79
N LEU B 90 -33.21 1.87 10.73
CA LEU B 90 -31.90 2.49 10.60
C LEU B 90 -31.16 1.84 9.44
N ILE B 91 -30.50 2.65 8.62
CA ILE B 91 -29.74 2.17 7.47
C ILE B 91 -28.28 2.49 7.70
N SER B 92 -27.41 1.49 7.57
CA SER B 92 -26.00 1.65 7.85
C SER B 92 -25.18 1.13 6.69
N ALA B 93 -24.12 1.88 6.35
CA ALA B 93 -23.18 1.51 5.30
C ALA B 93 -21.80 1.37 5.90
N SER B 94 -21.06 0.34 5.47
CA SER B 94 -19.80 -0.02 6.09
C SER B 94 -18.70 -0.15 5.03
N SER B 95 -17.47 -0.33 5.52
CA SER B 95 -16.34 -0.48 4.62
C SER B 95 -16.47 -1.72 3.75
N ASP B 96 -16.78 -2.86 4.37
CA ASP B 96 -17.15 -4.02 3.58
C ASP B 96 -18.44 -3.71 2.82
N THR B 97 -18.48 -4.13 1.56
CA THR B 97 -19.48 -3.61 0.61
C THR B 97 -20.85 -4.18 0.95
N THR B 98 -21.42 -3.68 2.05
CA THR B 98 -22.73 -4.12 2.51
C THR B 98 -23.52 -2.93 3.03
N VAL B 99 -24.82 -2.92 2.75
CA VAL B 99 -25.76 -1.94 3.29
C VAL B 99 -26.88 -2.71 3.96
N LYS B 100 -27.08 -2.48 5.25
CA LYS B 100 -28.03 -3.26 6.04
C LYS B 100 -29.22 -2.41 6.44
N VAL B 101 -30.27 -3.10 6.89
CA VAL B 101 -31.48 -2.48 7.42
C VAL B 101 -31.70 -3.04 8.81
N TRP B 102 -31.99 -2.16 9.77
CA TRP B 102 -32.12 -2.55 11.16
C TRP B 102 -33.55 -2.31 11.65
N ASN B 103 -33.74 -2.48 12.95
CA ASN B 103 -34.99 -2.13 13.62
C ASN B 103 -34.59 -1.40 14.90
N ALA B 104 -34.58 -0.07 14.84
CA ALA B 104 -34.00 0.73 15.92
C ALA B 104 -34.72 0.54 17.25
N HIS B 105 -35.96 0.04 17.24
CA HIS B 105 -36.67 -0.17 18.48
C HIS B 105 -36.16 -1.40 19.23
N LYS B 106 -35.62 -2.38 18.50
CA LYS B 106 -35.10 -3.59 19.11
C LYS B 106 -33.65 -3.88 18.78
N GLY B 107 -33.05 -3.17 17.83
CA GLY B 107 -31.65 -3.32 17.50
C GLY B 107 -31.25 -4.67 16.94
N PHE B 108 -32.00 -5.18 15.97
CA PHE B 108 -31.65 -6.41 15.28
C PHE B 108 -31.76 -6.21 13.78
N CYS B 109 -30.84 -6.83 13.03
CA CYS B 109 -30.83 -6.70 11.59
C CYS B 109 -32.04 -7.39 10.98
N MET B 110 -32.44 -6.91 9.79
CA MET B 110 -33.62 -7.46 9.12
C MET B 110 -33.31 -7.88 7.69
N SER B 111 -32.38 -7.19 7.03
CA SER B 111 -32.07 -7.46 5.64
C SER B 111 -30.61 -7.09 5.38
N THR B 112 -30.17 -7.34 4.15
CA THR B 112 -28.81 -7.01 3.73
C THR B 112 -28.81 -6.82 2.22
N LEU B 113 -28.01 -5.85 1.76
CA LEU B 113 -27.83 -5.59 0.34
C LEU B 113 -26.34 -5.62 0.03
N ARG B 114 -25.95 -6.45 -0.93
CA ARG B 114 -24.55 -6.69 -1.23
C ARG B 114 -24.21 -6.41 -2.69
N THR B 115 -24.93 -5.48 -3.31
CA THR B 115 -24.72 -5.15 -4.72
C THR B 115 -23.75 -3.97 -4.86
N HIS B 116 -22.59 -4.10 -4.22
CA HIS B 116 -21.55 -3.08 -4.28
C HIS B 116 -20.21 -3.75 -4.48
N LYS B 117 -19.27 -3.03 -5.09
CA LYS B 117 -17.97 -3.58 -5.44
C LYS B 117 -16.86 -3.15 -4.49
N ASP B 118 -16.93 -1.93 -3.94
CA ASP B 118 -15.89 -1.41 -3.07
C ASP B 118 -16.56 -0.74 -1.88
N TYR B 119 -15.76 0.01 -1.11
CA TYR B 119 -16.24 0.63 0.12
C TYR B 119 -17.42 1.54 -0.17
N VAL B 120 -18.25 1.76 0.85
CA VAL B 120 -19.38 2.67 0.78
C VAL B 120 -19.16 3.79 1.78
N LYS B 121 -19.20 5.03 1.31
CA LYS B 121 -18.86 6.18 2.14
C LYS B 121 -19.93 7.26 2.21
N ALA B 122 -21.01 7.16 1.43
CA ALA B 122 -22.03 8.20 1.38
C ALA B 122 -23.41 7.59 1.53
N LEU B 123 -24.34 8.40 2.02
CA LEU B 123 -25.72 7.97 2.23
C LEU B 123 -26.58 9.21 2.39
N ALA B 124 -27.64 9.31 1.59
CA ALA B 124 -28.55 10.44 1.63
C ALA B 124 -29.93 9.97 2.05
N TYR B 125 -30.87 10.91 2.15
CA TYR B 125 -32.24 10.59 2.56
C TYR B 125 -33.15 11.74 2.16
N ALA B 126 -34.19 11.42 1.39
CA ALA B 126 -35.23 12.38 1.03
C ALA B 126 -36.41 12.13 1.94
N LYS B 127 -36.56 12.95 2.98
CA LYS B 127 -37.58 12.70 3.99
C LYS B 127 -38.98 12.80 3.41
N ASP B 128 -39.23 13.79 2.55
CA ASP B 128 -40.55 13.97 1.97
C ASP B 128 -40.80 13.05 0.77
N LYS B 129 -39.81 12.26 0.37
CA LYS B 129 -39.95 11.34 -0.75
C LYS B 129 -39.71 9.89 -0.38
N GLU B 130 -39.05 9.61 0.75
CA GLU B 130 -38.73 8.25 1.18
C GLU B 130 -37.87 7.53 0.16
N LEU B 131 -36.68 8.09 -0.07
CA LEU B 131 -35.67 7.51 -0.94
C LEU B 131 -34.33 7.51 -0.23
N VAL B 132 -33.48 6.56 -0.59
CA VAL B 132 -32.13 6.46 -0.06
C VAL B 132 -31.17 6.20 -1.20
N ALA B 133 -30.11 7.01 -1.29
CA ALA B 133 -29.08 6.84 -2.29
C ALA B 133 -27.75 6.54 -1.62
N SER B 134 -26.94 5.72 -2.27
CA SER B 134 -25.67 5.31 -1.72
C SER B 134 -24.60 5.36 -2.79
N ALA B 135 -23.40 5.81 -2.41
CA ALA B 135 -22.27 5.93 -3.32
C ALA B 135 -21.03 5.39 -2.63
N GLY B 136 -20.07 4.95 -3.45
CA GLY B 136 -18.86 4.37 -2.91
C GLY B 136 -17.63 4.60 -3.76
N LEU B 137 -16.53 3.92 -3.39
CA LEU B 137 -15.28 4.07 -4.13
C LEU B 137 -15.33 3.40 -5.50
N ASP B 138 -16.37 2.63 -5.80
CA ASP B 138 -16.50 1.95 -7.08
C ASP B 138 -17.17 2.81 -8.13
N ARG B 139 -17.47 4.07 -7.82
CA ARG B 139 -18.03 5.03 -8.78
C ARG B 139 -19.39 4.58 -9.29
N GLN B 140 -20.29 4.25 -8.36
CA GLN B 140 -21.66 3.90 -8.69
C GLN B 140 -22.59 4.52 -7.66
N ILE B 141 -23.79 4.87 -8.10
CA ILE B 141 -24.82 5.45 -7.24
C ILE B 141 -26.11 4.67 -7.47
N PHE B 142 -26.64 4.09 -6.40
CA PHE B 142 -27.87 3.31 -6.46
C PHE B 142 -28.98 4.04 -5.74
N LEU B 143 -30.12 4.20 -6.41
CA LEU B 143 -31.29 4.83 -5.83
C LEU B 143 -32.20 3.75 -5.26
N TRP B 144 -32.46 3.79 -3.96
CA TRP B 144 -33.20 2.76 -3.27
C TRP B 144 -34.47 3.34 -2.66
N ASP B 145 -35.56 2.60 -2.78
CA ASP B 145 -36.85 2.99 -2.20
C ASP B 145 -36.99 2.28 -0.85
N VAL B 146 -37.18 3.07 0.21
CA VAL B 146 -37.22 2.51 1.55
C VAL B 146 -38.42 1.57 1.71
N ASN B 147 -39.57 1.97 1.16
CA ASN B 147 -40.81 1.21 1.39
C ASN B 147 -40.74 -0.22 0.86
N THR B 148 -39.84 -0.50 -0.08
CA THR B 148 -39.63 -1.86 -0.56
C THR B 148 -38.41 -2.52 0.06
N LEU B 149 -37.80 -1.88 1.06
CA LEU B 149 -36.64 -2.44 1.76
C LEU B 149 -37.01 -3.14 3.05
N THR B 150 -37.88 -2.54 3.86
CA THR B 150 -38.27 -3.17 5.12
C THR B 150 -39.04 -4.46 4.89
N ALA B 151 -39.96 -4.46 3.92
CA ALA B 151 -40.77 -5.64 3.64
C ALA B 151 -40.01 -6.73 2.91
N LEU B 152 -38.84 -6.42 2.35
CA LEU B 152 -38.07 -7.41 1.60
C LEU B 152 -36.61 -7.42 2.04
N THR B 158 -33.34 -10.01 -3.67
CA THR B 158 -32.97 -9.58 -5.02
C THR B 158 -33.86 -8.44 -5.49
N VAL B 159 -33.72 -7.29 -4.86
CA VAL B 159 -34.55 -6.13 -5.19
C VAL B 159 -34.05 -5.49 -6.48
N THR B 160 -34.91 -4.70 -7.10
CA THR B 160 -34.56 -4.02 -8.33
C THR B 160 -33.54 -2.91 -8.07
N THR B 161 -32.87 -2.50 -9.13
CA THR B 161 -31.83 -1.49 -9.05
C THR B 161 -32.18 -0.28 -9.92
N SER B 162 -31.67 0.88 -9.52
CA SER B 162 -31.82 2.12 -10.29
C SER B 162 -30.47 2.83 -10.25
N SER B 163 -29.62 2.55 -11.23
CA SER B 163 -28.27 3.09 -11.26
C SER B 163 -28.28 4.46 -11.91
N LEU B 164 -27.73 5.45 -11.21
CA LEU B 164 -27.66 6.83 -11.69
C LEU B 164 -26.22 7.30 -11.47
N SER B 165 -25.35 7.02 -12.43
CA SER B 165 -23.92 7.34 -12.25
C SER B 165 -23.27 7.53 -13.62
N GLY B 166 -23.10 8.79 -14.02
CA GLY B 166 -22.10 9.14 -15.02
C GLY B 166 -20.93 9.80 -14.32
N ASN B 167 -19.86 9.06 -14.06
CA ASN B 167 -18.81 9.52 -13.18
C ASN B 167 -17.48 8.91 -13.60
N LYS B 168 -16.39 9.49 -13.08
CA LYS B 168 -15.06 9.10 -13.52
C LYS B 168 -14.07 8.85 -12.38
N ASP B 169 -14.44 9.10 -11.13
CA ASP B 169 -13.54 8.81 -10.02
C ASP B 169 -14.36 8.60 -8.75
N SER B 170 -13.67 8.23 -7.68
CA SER B 170 -14.31 7.80 -6.45
C SER B 170 -15.15 8.93 -5.85
N ILE B 171 -16.30 8.55 -5.29
CA ILE B 171 -17.22 9.48 -4.66
C ILE B 171 -17.02 9.42 -3.15
N TYR B 172 -16.80 10.58 -2.52
CA TYR B 172 -16.51 10.64 -1.10
C TYR B 172 -17.62 11.25 -0.26
N SER B 173 -18.57 11.94 -0.88
CA SER B 173 -19.71 12.49 -0.15
C SER B 173 -20.83 12.76 -1.13
N LEU B 174 -22.05 12.77 -0.61
CA LEU B 174 -23.23 12.88 -1.44
C LEU B 174 -24.39 13.41 -0.61
N ALA B 175 -25.25 14.22 -1.23
CA ALA B 175 -26.36 14.84 -0.51
C ALA B 175 -27.56 14.95 -1.44
N MET B 176 -28.73 15.09 -0.82
CA MET B 176 -29.99 15.17 -1.55
C MET B 176 -30.92 16.14 -0.83
N ASN B 177 -31.69 16.91 -1.59
CA ASN B 177 -32.57 17.90 -1.02
C ASN B 177 -33.78 17.25 -0.36
N GLN B 178 -34.54 18.04 0.39
CA GLN B 178 -35.61 17.50 1.20
C GLN B 178 -36.76 16.96 0.36
N LEU B 179 -37.05 17.58 -0.79
CA LEU B 179 -38.15 17.15 -1.64
C LEU B 179 -37.76 16.04 -2.60
N GLY B 180 -36.49 15.61 -2.61
CA GLY B 180 -36.05 14.54 -3.46
C GLY B 180 -36.14 14.84 -4.94
N THR B 181 -35.67 16.02 -5.35
CA THR B 181 -35.65 16.39 -6.76
C THR B 181 -34.27 16.76 -7.28
N ILE B 182 -33.30 17.00 -6.41
CA ILE B 182 -31.94 17.33 -6.81
C ILE B 182 -30.97 16.54 -5.93
N ILE B 183 -29.96 15.96 -6.55
CA ILE B 183 -28.91 15.22 -5.83
C ILE B 183 -27.56 15.68 -6.36
N VAL B 184 -26.64 15.99 -5.44
CA VAL B 184 -25.32 16.48 -5.77
C VAL B 184 -24.29 15.53 -5.16
N SER B 185 -23.22 15.26 -5.90
CA SER B 185 -22.17 14.38 -5.44
C SER B 185 -20.82 15.08 -5.57
N GLY B 186 -19.93 14.82 -4.64
CA GLY B 186 -18.58 15.38 -4.65
C GLY B 186 -17.56 14.27 -4.75
N SER B 187 -16.56 14.49 -5.62
CA SER B 187 -15.57 13.47 -5.92
C SER B 187 -14.19 14.13 -5.90
N THR B 188 -13.19 13.41 -6.41
CA THR B 188 -11.83 13.89 -6.44
C THR B 188 -11.51 14.76 -7.64
N GLU B 189 -12.46 14.96 -8.56
CA GLU B 189 -12.26 15.86 -9.68
C GLU B 189 -12.40 17.33 -9.29
N LYS B 190 -12.80 17.61 -8.04
CA LYS B 190 -13.12 18.97 -7.58
C LYS B 190 -14.24 19.59 -8.39
N VAL B 191 -15.03 18.77 -9.08
CA VAL B 191 -16.14 19.20 -9.90
C VAL B 191 -17.39 18.51 -9.38
N LEU B 192 -18.40 19.30 -9.02
CA LEU B 192 -19.65 18.75 -8.52
C LEU B 192 -20.59 18.44 -9.68
N ARG B 193 -21.22 17.26 -9.62
CA ARG B 193 -22.19 16.83 -10.62
C ARG B 193 -23.58 16.83 -10.02
N VAL B 194 -24.55 17.30 -10.79
CA VAL B 194 -25.94 17.43 -10.33
C VAL B 194 -26.82 16.54 -11.22
N TRP B 195 -27.65 15.74 -10.58
CA TRP B 195 -28.53 14.79 -11.27
C TRP B 195 -29.98 15.14 -10.96
N ASP B 196 -30.88 14.24 -11.36
CA ASP B 196 -32.31 14.36 -11.06
C ASP B 196 -32.88 12.97 -10.81
N PRO B 197 -33.26 12.66 -9.56
CA PRO B 197 -33.66 11.27 -9.25
C PRO B 197 -34.84 10.74 -10.06
N ARG B 198 -35.83 11.59 -10.37
CA ARG B 198 -37.04 11.09 -11.01
C ARG B 198 -36.79 10.59 -12.42
N THR B 199 -36.00 11.33 -13.20
CA THR B 199 -35.73 10.98 -14.59
C THR B 199 -34.34 10.40 -14.81
N CYS B 200 -33.50 10.37 -13.77
CA CYS B 200 -32.14 9.86 -13.87
C CYS B 200 -31.33 10.59 -14.93
N ALA B 201 -31.59 11.89 -15.11
CA ALA B 201 -30.91 12.70 -16.11
C ALA B 201 -29.80 13.51 -15.46
N LYS B 202 -29.00 14.14 -16.31
CA LYS B 202 -27.92 15.02 -15.88
C LYS B 202 -28.34 16.47 -16.08
N LEU B 203 -28.02 17.32 -15.11
CA LEU B 203 -28.46 18.71 -15.13
C LEU B 203 -27.33 19.70 -15.27
N MET B 204 -26.34 19.66 -14.39
CA MET B 204 -25.33 20.70 -14.30
C MET B 204 -23.94 20.09 -14.20
N LYS B 205 -22.95 20.98 -14.10
CA LYS B 205 -21.56 20.57 -13.83
C LYS B 205 -20.90 21.76 -13.14
N LEU B 206 -20.83 21.71 -11.81
CA LEU B 206 -20.33 22.82 -11.01
C LEU B 206 -18.85 22.60 -10.75
N LYS B 207 -18.01 23.47 -11.28
CA LYS B 207 -16.56 23.39 -11.11
C LYS B 207 -16.05 24.62 -10.37
N GLY B 208 -14.81 24.54 -9.92
CA GLY B 208 -14.19 25.66 -9.24
C GLY B 208 -13.63 25.33 -7.86
N HIS B 209 -13.32 24.06 -7.61
CA HIS B 209 -12.68 23.64 -6.37
C HIS B 209 -11.25 23.23 -6.65
N THR B 210 -10.49 23.01 -5.56
CA THR B 210 -9.07 22.71 -5.66
C THR B 210 -8.71 21.32 -5.18
N ASP B 211 -9.39 20.79 -4.16
CA ASP B 211 -9.05 19.48 -3.60
C ASP B 211 -10.34 18.72 -3.33
N ASN B 212 -10.22 17.64 -2.57
CA ASN B 212 -11.34 16.75 -2.30
C ASN B 212 -12.46 17.48 -1.58
N VAL B 213 -13.70 17.11 -1.90
CA VAL B 213 -14.89 17.65 -1.26
C VAL B 213 -15.48 16.57 -0.36
N LYS B 214 -15.63 16.88 0.93
CA LYS B 214 -16.08 15.90 1.90
C LYS B 214 -17.34 16.35 2.66
N ALA B 215 -17.98 17.43 2.23
CA ALA B 215 -19.18 17.92 2.91
C ALA B 215 -20.02 18.71 1.93
N LEU B 216 -21.28 18.31 1.76
CA LEU B 216 -22.23 19.03 0.93
C LEU B 216 -23.55 19.18 1.67
N LEU B 217 -24.10 20.38 1.64
CA LEU B 217 -25.38 20.68 2.25
C LEU B 217 -26.25 21.42 1.25
N LEU B 218 -27.51 21.04 1.14
CA LEU B 218 -28.45 21.65 0.21
C LEU B 218 -29.62 22.26 0.95
N ASN B 219 -30.22 23.28 0.34
CA ASN B 219 -31.40 23.93 0.90
C ASN B 219 -32.59 22.97 0.88
N ARG B 220 -33.69 23.42 1.49
CA ARG B 220 -34.91 22.62 1.47
C ARG B 220 -35.49 22.55 0.07
N ASP B 221 -35.46 23.66 -0.67
CA ASP B 221 -35.96 23.70 -2.04
C ASP B 221 -34.87 23.46 -3.08
N GLY B 222 -33.63 23.22 -2.64
CA GLY B 222 -32.55 22.95 -3.58
C GLY B 222 -32.04 24.14 -4.33
N THR B 223 -32.34 25.36 -3.88
CA THR B 223 -31.89 26.54 -4.62
C THR B 223 -30.40 26.79 -4.42
N GLN B 224 -29.88 26.57 -3.23
CA GLN B 224 -28.48 26.86 -2.92
C GLN B 224 -27.81 25.63 -2.33
N CYS B 225 -26.49 25.57 -2.47
CA CYS B 225 -25.71 24.44 -1.99
C CYS B 225 -24.44 24.96 -1.32
N LEU B 226 -24.06 24.31 -0.23
CA LEU B 226 -22.85 24.64 0.52
C LEU B 226 -21.86 23.49 0.42
N SER B 227 -20.59 23.83 0.17
CA SER B 227 -19.55 22.83 0.02
C SER B 227 -18.32 23.25 0.81
N GLY B 228 -17.56 22.26 1.24
CA GLY B 228 -16.31 22.50 1.95
C GLY B 228 -15.23 21.53 1.52
N SER B 229 -14.11 22.05 1.04
CA SER B 229 -13.06 21.23 0.46
C SER B 229 -11.89 21.09 1.43
N SER B 230 -11.05 20.09 1.16
CA SER B 230 -9.85 19.87 1.96
C SER B 230 -8.83 20.98 1.79
N ASP B 231 -9.00 21.87 0.81
CA ASP B 231 -8.13 23.03 0.69
C ASP B 231 -8.27 23.92 1.93
N GLY B 232 -9.50 24.13 2.39
CA GLY B 232 -9.74 24.94 3.57
C GLY B 232 -10.68 26.10 3.31
N THR B 233 -11.49 25.98 2.26
CA THR B 233 -12.39 27.05 1.85
C THR B 233 -13.82 26.52 1.78
N ILE B 234 -14.77 27.42 2.04
CA ILE B 234 -16.19 27.09 2.01
C ILE B 234 -16.84 27.98 0.94
N ARG B 235 -17.52 27.35 -0.02
CA ARG B 235 -18.11 28.05 -1.15
C ARG B 235 -19.62 27.93 -1.11
N LEU B 236 -20.30 29.00 -1.51
CA LEU B 236 -21.75 29.02 -1.63
C LEU B 236 -22.10 29.04 -3.12
N TRP B 237 -22.74 27.96 -3.58
CA TRP B 237 -23.07 27.81 -4.99
C TRP B 237 -24.47 28.37 -5.25
N SER B 238 -25.02 28.08 -6.42
CA SER B 238 -26.39 28.44 -6.76
C SER B 238 -26.88 27.49 -7.83
N LEU B 239 -28.07 26.94 -7.64
CA LEU B 239 -28.64 26.01 -8.60
C LEU B 239 -29.64 26.67 -9.56
N GLY B 240 -29.85 27.98 -9.42
CA GLY B 240 -30.51 28.77 -10.44
C GLY B 240 -29.55 29.52 -11.32
N GLN B 241 -28.24 29.36 -11.08
CA GLN B 241 -27.20 30.04 -11.85
C GLN B 241 -25.93 29.22 -11.66
N GLN B 242 -25.45 28.59 -12.73
CA GLN B 242 -24.36 27.63 -12.59
C GLN B 242 -23.05 28.33 -12.28
N ARG B 243 -22.97 28.91 -11.08
CA ARG B 243 -21.79 29.67 -10.67
C ARG B 243 -21.77 29.78 -9.16
N CYS B 244 -20.59 30.07 -8.61
CA CYS B 244 -20.44 30.31 -7.19
C CYS B 244 -20.63 31.79 -6.88
N ILE B 245 -21.10 32.08 -5.67
CA ILE B 245 -21.45 33.43 -5.25
C ILE B 245 -20.40 34.00 -4.30
N ALA B 246 -20.19 33.36 -3.16
CA ALA B 246 -19.27 33.85 -2.14
C ALA B 246 -18.29 32.76 -1.75
N THR B 247 -17.15 33.19 -1.21
CA THR B 247 -16.08 32.28 -0.81
C THR B 247 -15.50 32.77 0.51
N TYR B 248 -15.36 31.85 1.46
CA TYR B 248 -14.77 32.14 2.77
C TYR B 248 -13.61 31.20 3.03
N ARG B 249 -12.57 31.72 3.67
CA ARG B 249 -11.36 30.96 3.97
C ARG B 249 -10.95 31.19 5.42
N VAL B 250 -11.92 31.12 6.34
CA VAL B 250 -11.65 31.31 7.76
C VAL B 250 -10.87 30.17 8.37
N HIS B 251 -10.78 29.03 7.69
CA HIS B 251 -10.11 27.85 8.22
C HIS B 251 -8.74 27.70 7.58
N ASP B 252 -7.73 27.45 8.42
CA ASP B 252 -6.37 27.28 7.91
C ASP B 252 -6.17 25.92 7.24
N GLU B 253 -6.80 24.87 7.77
CA GLU B 253 -6.73 23.54 7.21
C GLU B 253 -8.08 23.18 6.59
N GLY B 254 -8.15 21.96 6.04
CA GLY B 254 -9.36 21.54 5.37
C GLY B 254 -10.52 21.36 6.33
N VAL B 255 -11.73 21.57 5.81
CA VAL B 255 -12.95 21.39 6.59
C VAL B 255 -13.49 19.99 6.34
N TRP B 256 -13.63 19.22 7.41
CA TRP B 256 -14.17 17.86 7.33
C TRP B 256 -15.62 17.76 7.77
N ALA B 257 -16.07 18.67 8.62
CA ALA B 257 -17.45 18.67 9.10
C ALA B 257 -18.12 19.99 8.74
N LEU B 258 -19.42 19.94 8.52
CA LEU B 258 -20.19 21.11 8.17
C LEU B 258 -21.62 20.92 8.64
N GLN B 259 -22.17 21.94 9.29
CA GLN B 259 -23.56 21.93 9.71
C GLN B 259 -24.10 23.34 9.56
N VAL B 260 -25.42 23.44 9.35
CA VAL B 260 -26.07 24.70 9.03
C VAL B 260 -27.28 24.88 9.92
N ASN B 261 -27.68 26.14 10.08
CA ASN B 261 -28.91 26.46 10.79
C ASN B 261 -30.12 26.08 9.93
N ASP B 262 -31.31 26.36 10.45
CA ASP B 262 -32.53 25.96 9.76
C ASP B 262 -32.75 26.74 8.48
N ALA B 263 -32.42 28.04 8.48
CA ALA B 263 -32.75 28.93 7.38
C ALA B 263 -31.52 29.40 6.60
N PHE B 264 -30.46 28.58 6.58
CA PHE B 264 -29.24 28.90 5.82
C PHE B 264 -28.66 30.25 6.22
N THR B 265 -28.63 30.51 7.53
CA THR B 265 -28.12 31.79 8.02
C THR B 265 -26.77 31.69 8.71
N HIS B 266 -26.49 30.58 9.40
CA HIS B 266 -25.21 30.38 10.05
C HIS B 266 -24.71 28.97 9.75
N VAL B 267 -23.38 28.82 9.72
CA VAL B 267 -22.75 27.53 9.48
C VAL B 267 -21.72 27.27 10.56
N TYR B 268 -21.69 26.03 11.05
CA TYR B 268 -20.72 25.59 12.03
C TYR B 268 -19.75 24.64 11.35
N SER B 269 -18.46 24.95 11.44
CA SER B 269 -17.44 24.21 10.70
C SER B 269 -16.33 23.77 11.62
N GLY B 270 -15.61 22.73 11.20
CA GLY B 270 -14.46 22.23 11.92
C GLY B 270 -13.72 21.20 11.10
N GLY B 271 -12.42 21.06 11.33
CA GLY B 271 -11.62 20.13 10.55
C GLY B 271 -10.33 19.77 11.24
N ARG B 272 -9.29 19.55 10.43
CA ARG B 272 -7.98 19.16 10.96
C ARG B 272 -7.36 20.25 11.82
N ASP B 273 -7.84 21.48 11.72
CA ASP B 273 -7.34 22.58 12.54
C ASP B 273 -7.53 22.27 14.02
N ARG B 274 -8.55 21.45 14.35
CA ARG B 274 -8.95 21.16 15.73
C ARG B 274 -9.61 22.37 16.38
N LYS B 275 -10.35 23.13 15.58
CA LYS B 275 -11.12 24.27 16.06
C LYS B 275 -12.51 24.22 15.44
N ILE B 276 -13.48 24.83 16.13
CA ILE B 276 -14.86 24.88 15.66
C ILE B 276 -15.29 26.33 15.64
N TYR B 277 -15.71 26.81 14.48
CA TYR B 277 -16.14 28.18 14.28
C TYR B 277 -17.65 28.23 14.05
N CYS B 278 -18.18 29.44 14.08
CA CYS B 278 -19.59 29.71 13.77
C CYS B 278 -19.59 30.91 12.83
N THR B 279 -19.47 30.65 11.53
CA THR B 279 -19.31 31.69 10.53
C THR B 279 -20.68 32.16 10.02
N ASP B 280 -20.88 33.46 10.03
CA ASP B 280 -22.07 34.03 9.42
C ASP B 280 -21.97 33.94 7.90
N LEU B 281 -23.11 34.08 7.24
CA LEU B 281 -23.19 33.97 5.78
C LEU B 281 -23.44 35.30 5.09
N ARG B 282 -24.26 36.18 5.67
CA ARG B 282 -24.50 37.47 5.06
C ARG B 282 -23.28 38.37 5.15
N ASN B 283 -22.61 38.38 6.30
CA ASN B 283 -21.38 39.15 6.50
C ASN B 283 -20.36 38.25 7.17
N PRO B 284 -19.33 37.80 6.46
CA PRO B 284 -18.37 36.83 7.02
C PRO B 284 -17.37 37.42 8.00
N ASP B 285 -17.55 38.67 8.43
CA ASP B 285 -16.64 39.29 9.40
C ASP B 285 -17.11 39.12 10.84
N ILE B 286 -18.24 38.46 11.07
CA ILE B 286 -18.69 38.11 12.41
C ILE B 286 -18.27 36.66 12.66
N ARG B 287 -17.41 36.47 13.66
CA ARG B 287 -16.85 35.15 13.92
C ARG B 287 -16.70 34.95 15.42
N VAL B 288 -17.26 33.85 15.91
CA VAL B 288 -17.11 33.44 17.30
C VAL B 288 -16.45 32.08 17.32
N LEU B 289 -15.62 31.83 18.33
CA LEU B 289 -14.80 30.63 18.40
C LEU B 289 -15.32 29.73 19.51
N ILE B 290 -16.05 28.68 19.13
CA ILE B 290 -16.35 27.61 20.08
C ILE B 290 -15.07 26.89 20.47
N CYS B 291 -15.08 26.25 21.63
CA CYS B 291 -13.87 25.68 22.20
C CYS B 291 -13.23 24.67 21.25
N GLU B 292 -11.93 24.49 21.42
CA GLU B 292 -11.14 23.62 20.56
C GLU B 292 -11.02 22.23 21.17
N GLU B 293 -11.35 21.22 20.38
CA GLU B 293 -11.22 19.84 20.82
C GLU B 293 -9.78 19.36 20.64
N LYS B 294 -9.43 18.30 21.36
CA LYS B 294 -8.07 17.79 21.41
C LYS B 294 -7.73 16.84 20.26
N ALA B 295 -8.69 16.53 19.39
CA ALA B 295 -8.47 15.64 18.27
C ALA B 295 -9.15 16.22 17.04
N PRO B 296 -8.68 15.87 15.83
CA PRO B 296 -9.32 16.39 14.61
C PRO B 296 -10.82 16.13 14.55
N VAL B 297 -11.61 17.20 14.53
CA VAL B 297 -13.06 17.08 14.55
C VAL B 297 -13.56 16.58 13.21
N LEU B 298 -14.37 15.52 13.24
CA LEU B 298 -15.00 15.00 12.04
C LEU B 298 -16.43 14.57 12.36
N LYS B 299 -17.34 14.82 11.43
CA LYS B 299 -18.76 14.50 11.57
C LYS B 299 -19.36 15.17 12.81
N MET B 300 -19.37 16.50 12.76
CA MET B 300 -20.06 17.29 13.76
C MET B 300 -21.57 17.14 13.62
N GLU B 301 -22.26 17.17 14.75
CA GLU B 301 -23.71 16.95 14.79
C GLU B 301 -24.35 18.03 15.64
N LEU B 302 -25.56 18.43 15.25
CA LEU B 302 -26.26 19.55 15.87
C LEU B 302 -27.56 19.10 16.52
N ASP B 303 -27.93 19.79 17.60
CA ASP B 303 -29.19 19.53 18.31
C ASP B 303 -30.21 20.55 17.84
N ARG B 304 -31.23 20.07 17.12
CA ARG B 304 -32.24 20.93 16.49
C ARG B 304 -33.56 20.91 17.25
N SER B 305 -33.51 20.86 18.58
CA SER B 305 -34.75 20.84 19.35
C SER B 305 -35.53 22.15 19.20
N ALA B 306 -34.84 23.28 19.19
CA ALA B 306 -35.48 24.57 19.08
C ALA B 306 -34.52 25.57 18.47
N ASP B 307 -35.07 26.70 17.99
CA ASP B 307 -34.28 27.75 17.38
C ASP B 307 -33.99 28.82 18.41
N PRO B 308 -32.73 29.19 18.66
CA PRO B 308 -31.50 28.65 18.05
C PRO B 308 -31.09 27.33 18.67
N PRO B 309 -30.28 26.53 17.99
CA PRO B 309 -29.83 25.26 18.56
C PRO B 309 -29.09 25.48 19.86
N PRO B 310 -29.54 24.87 20.95
CA PRO B 310 -28.93 25.08 22.26
C PRO B 310 -27.82 24.09 22.62
N ALA B 311 -27.38 23.25 21.69
CA ALA B 311 -26.36 22.24 21.99
C ALA B 311 -25.75 21.79 20.68
N ILE B 312 -24.64 21.06 20.80
CA ILE B 312 -23.95 20.52 19.63
C ILE B 312 -23.07 19.35 20.07
N TRP B 313 -23.14 18.25 19.33
CA TRP B 313 -22.38 17.04 19.64
C TRP B 313 -21.27 16.89 18.61
N VAL B 314 -20.05 16.68 19.08
CA VAL B 314 -18.89 16.58 18.20
C VAL B 314 -18.31 15.17 18.32
N ALA B 315 -17.65 14.75 17.25
CA ALA B 315 -16.95 13.47 17.20
C ALA B 315 -15.51 13.70 16.78
N THR B 316 -14.63 12.79 17.21
CA THR B 316 -13.20 12.93 16.98
C THR B 316 -12.61 11.58 16.62
N THR B 317 -11.29 11.56 16.44
CA THR B 317 -10.58 10.33 16.16
C THR B 317 -10.34 9.48 17.41
N LYS B 318 -10.52 10.05 18.60
CA LYS B 318 -10.42 9.32 19.84
C LYS B 318 -11.81 8.95 20.34
N SER B 319 -11.84 8.01 21.29
CA SER B 319 -13.10 7.44 21.77
C SER B 319 -13.66 8.29 22.89
N THR B 320 -14.30 9.39 22.50
CA THR B 320 -14.99 10.28 23.44
C THR B 320 -15.90 11.20 22.63
N VAL B 321 -17.12 11.39 23.12
CA VAL B 321 -18.11 12.26 22.49
C VAL B 321 -18.49 13.33 23.50
N ASN B 322 -18.40 14.59 23.10
CA ASN B 322 -18.67 15.72 23.97
C ASN B 322 -19.92 16.45 23.51
N LYS B 323 -20.46 17.27 24.42
CA LYS B 323 -21.67 18.06 24.16
C LYS B 323 -21.41 19.50 24.56
N TRP B 324 -21.00 20.32 23.59
CA TRP B 324 -20.77 21.73 23.84
C TRP B 324 -22.08 22.49 23.82
N THR B 325 -22.17 23.52 24.66
CA THR B 325 -23.38 24.34 24.76
C THR B 325 -23.11 25.70 24.14
N LEU B 326 -24.10 26.20 23.38
CA LEU B 326 -23.99 27.50 22.72
C LEU B 326 -24.99 28.45 23.37
N LYS B 327 -24.47 29.39 24.16
CA LYS B 327 -25.33 30.39 24.79
C LYS B 327 -24.76 31.78 24.58
N GLY B 328 -23.45 31.88 24.38
CA GLY B 328 -22.81 33.16 24.14
C GLY B 328 -22.93 33.70 22.74
N ILE B 329 -23.43 32.90 21.80
CA ILE B 329 -23.66 33.39 20.45
C ILE B 329 -24.83 34.38 20.45
N HIS B 330 -24.82 35.28 19.48
CA HIS B 330 -25.79 36.35 19.27
C HIS B 330 -25.71 37.43 20.34
N ASN B 331 -24.85 37.27 21.35
CA ASN B 331 -24.71 38.27 22.41
C ASN B 331 -23.26 38.50 22.82
N PHE B 332 -22.30 38.02 22.03
CA PHE B 332 -20.89 38.10 22.41
C PHE B 332 -20.23 39.42 22.03
N ARG B 333 -20.93 40.29 21.30
CA ARG B 333 -20.42 41.59 20.87
C ARG B 333 -19.23 41.41 19.91
N ILE B 346 -8.73 35.56 19.40
CA ILE B 346 -10.14 35.32 19.69
C ILE B 346 -10.28 34.35 20.86
N THR B 347 -10.87 34.85 21.94
CA THR B 347 -11.04 34.04 23.15
C THR B 347 -12.08 32.96 22.92
N PRO B 348 -11.82 31.72 23.33
CA PRO B 348 -12.82 30.66 23.15
C PRO B 348 -14.03 30.88 24.05
N LEU B 349 -15.19 30.47 23.54
CA LEU B 349 -16.44 30.64 24.29
C LEU B 349 -16.59 29.63 25.42
N CYS B 350 -16.14 28.40 25.20
CA CYS B 350 -16.25 27.34 26.19
C CYS B 350 -14.86 26.84 26.56
N THR B 351 -14.80 26.09 27.66
CA THR B 351 -13.54 25.48 28.08
C THR B 351 -13.72 24.00 28.37
N GLN B 352 -14.91 23.60 28.83
CA GLN B 352 -15.18 22.21 29.13
C GLN B 352 -16.55 21.81 28.57
N PRO B 353 -16.71 20.54 28.20
CA PRO B 353 -18.01 20.07 27.72
C PRO B 353 -18.98 19.90 28.87
N ASP B 354 -20.26 19.81 28.52
CA ASP B 354 -21.32 19.63 29.49
C ASP B 354 -21.65 18.16 29.75
N GLN B 355 -21.78 17.35 28.70
CA GLN B 355 -22.04 15.92 28.82
C GLN B 355 -20.91 15.16 28.16
N VAL B 356 -20.33 14.22 28.90
CA VAL B 356 -19.18 13.44 28.43
C VAL B 356 -19.56 11.98 28.36
N ILE B 357 -19.13 11.31 27.30
CA ILE B 357 -19.31 9.88 27.12
C ILE B 357 -17.93 9.24 27.10
N LYS B 358 -17.67 8.32 28.01
CA LYS B 358 -16.35 7.73 28.15
C LYS B 358 -16.08 6.74 27.04
N GLY B 359 -14.80 6.42 26.87
CA GLY B 359 -14.38 5.46 25.87
C GLY B 359 -13.19 4.66 26.36
N GLY B 360 -13.04 3.46 25.80
CA GLY B 360 -11.97 2.56 26.20
C GLY B 360 -10.66 2.88 25.55
N ALA B 361 -9.85 1.84 25.35
CA ALA B 361 -8.52 1.96 24.75
C ALA B 361 -8.36 0.91 23.66
N SER B 362 -7.78 1.33 22.53
CA SER B 362 -7.56 0.44 21.39
C SER B 362 -6.12 -0.05 21.38
N ILE B 363 -5.91 -1.13 20.62
CA ILE B 363 -4.62 -1.78 20.51
C ILE B 363 -3.87 -1.21 19.32
N ILE B 364 -2.61 -0.84 19.52
CA ILE B 364 -1.81 -0.23 18.47
C ILE B 364 -0.57 -1.04 18.11
N GLN B 365 -0.19 -2.04 18.91
CA GLN B 365 0.99 -2.83 18.63
C GLN B 365 0.76 -4.26 19.09
N CYS B 366 1.33 -5.21 18.33
CA CYS B 366 1.23 -6.62 18.66
C CYS B 366 2.52 -7.32 18.27
N HIS B 367 2.78 -8.46 18.91
CA HIS B 367 3.96 -9.25 18.61
C HIS B 367 3.65 -10.71 18.84
N ILE B 368 4.04 -11.56 17.88
CA ILE B 368 3.81 -12.99 17.97
C ILE B 368 5.06 -13.65 18.52
N LEU B 369 4.89 -14.43 19.58
CA LEU B 369 6.03 -15.06 20.26
C LEU B 369 6.66 -16.12 19.36
N ASN B 370 7.82 -16.62 19.80
CA ASN B 370 8.55 -17.61 19.01
C ASN B 370 7.74 -18.90 18.83
N ASP B 371 7.10 -19.36 19.90
CA ASP B 371 6.12 -20.43 19.79
C ASP B 371 4.78 -19.81 19.44
N LYS B 372 4.30 -20.07 18.22
CA LYS B 372 3.17 -19.32 17.69
C LYS B 372 1.85 -19.72 18.34
N ARG B 373 1.68 -19.38 19.62
CA ARG B 373 0.39 -19.55 20.27
C ARG B 373 -0.04 -18.27 20.99
N HIS B 374 0.92 -17.54 21.55
CA HIS B 374 0.64 -16.40 22.40
C HIS B 374 0.98 -15.11 21.68
N ILE B 375 0.32 -14.03 22.12
CA ILE B 375 0.50 -12.72 21.50
C ILE B 375 0.69 -11.69 22.61
N LEU B 376 1.65 -10.78 22.42
CA LEU B 376 1.92 -9.70 23.37
C LEU B 376 1.48 -8.39 22.71
N THR B 377 0.38 -7.82 23.20
CA THR B 377 -0.21 -6.62 22.62
C THR B 377 -0.03 -5.42 23.55
N LYS B 378 0.35 -4.29 22.98
CA LYS B 378 0.47 -3.03 23.69
C LYS B 378 -0.56 -2.05 23.15
N ASP B 379 -1.32 -1.44 24.04
CA ASP B 379 -2.42 -0.57 23.68
C ASP B 379 -2.14 0.85 24.17
N THR B 380 -3.08 1.76 23.90
CA THR B 380 -2.97 3.11 24.41
C THR B 380 -3.07 3.10 25.94
N ASN B 381 -2.58 4.18 26.54
CA ASN B 381 -2.35 4.31 27.98
C ASN B 381 -1.27 3.38 28.49
N ASN B 382 -0.51 2.76 27.58
CA ASN B 382 0.69 1.99 27.91
C ASN B 382 0.37 0.81 28.83
N ASN B 383 -0.43 -0.12 28.31
CA ASN B 383 -0.73 -1.38 28.98
C ASN B 383 -0.42 -2.54 28.05
N VAL B 384 0.18 -3.59 28.59
CA VAL B 384 0.54 -4.78 27.82
C VAL B 384 -0.24 -5.97 28.36
N ALA B 385 -0.74 -6.80 27.44
CA ALA B 385 -1.53 -7.96 27.80
C ALA B 385 -0.98 -9.19 27.11
N TYR B 386 -1.20 -10.35 27.73
CA TYR B 386 -0.71 -11.63 27.23
C TYR B 386 -1.91 -12.44 26.78
N TRP B 387 -2.06 -12.61 25.47
CA TRP B 387 -3.22 -13.23 24.87
C TRP B 387 -2.93 -14.67 24.46
N ASP B 388 -3.99 -15.45 24.28
CA ASP B 388 -3.93 -16.79 23.73
C ASP B 388 -4.70 -16.83 22.42
N VAL B 389 -4.36 -17.80 21.58
CA VAL B 389 -4.95 -17.95 20.26
C VAL B 389 -5.79 -19.22 20.15
N LEU B 390 -5.23 -20.35 20.57
CA LEU B 390 -5.95 -21.62 20.48
C LEU B 390 -7.22 -21.60 21.32
N LYS B 391 -7.11 -21.14 22.58
CA LYS B 391 -8.27 -21.05 23.45
C LYS B 391 -9.04 -19.75 23.27
N ALA B 392 -8.52 -18.80 22.48
CA ALA B 392 -9.20 -17.56 22.14
C ALA B 392 -9.66 -16.82 23.41
N CYS B 393 -8.68 -16.49 24.25
CA CYS B 393 -8.97 -15.80 25.51
C CYS B 393 -7.71 -15.05 25.94
N LYS B 394 -7.84 -14.31 27.05
CA LYS B 394 -6.74 -13.59 27.66
C LYS B 394 -6.42 -14.23 29.00
N VAL B 395 -5.15 -14.57 29.20
CA VAL B 395 -4.76 -15.33 30.39
C VAL B 395 -4.27 -14.40 31.49
N GLU B 396 -3.64 -13.29 31.11
CA GLU B 396 -3.06 -12.38 32.09
C GLU B 396 -2.81 -11.03 31.45
N ASP B 397 -2.72 -10.01 32.30
CA ASP B 397 -2.24 -8.68 31.92
C ASP B 397 -1.00 -8.36 32.74
N LEU B 398 0.03 -7.87 32.08
CA LEU B 398 1.33 -7.70 32.72
C LEU B 398 1.49 -6.33 33.39
N GLY B 399 0.70 -5.35 33.01
CA GLY B 399 0.72 -4.06 33.67
C GLY B 399 1.63 -3.04 32.98
N LYS B 400 2.06 -2.07 33.78
CA LYS B 400 2.87 -0.95 33.29
C LYS B 400 4.33 -1.38 33.26
N VAL B 401 4.74 -2.00 32.15
CA VAL B 401 6.12 -2.37 31.93
C VAL B 401 6.52 -1.99 30.51
N ASP B 402 7.82 -1.86 30.30
CA ASP B 402 8.34 -1.51 28.99
C ASP B 402 8.16 -2.67 28.01
N PHE B 403 7.84 -2.34 26.77
CA PHE B 403 7.50 -3.37 25.78
C PHE B 403 8.74 -4.15 25.33
N GLU B 404 9.84 -3.44 25.04
CA GLU B 404 11.02 -4.12 24.50
C GLU B 404 11.64 -5.07 25.52
N ASP B 405 11.76 -4.63 26.78
CA ASP B 405 12.30 -5.50 27.81
C ASP B 405 11.40 -6.71 28.04
N GLU B 406 10.08 -6.51 28.00
CA GLU B 406 9.16 -7.63 28.16
C GLU B 406 9.28 -8.61 27.01
N ILE B 407 9.44 -8.12 25.79
CA ILE B 407 9.61 -9.01 24.63
C ILE B 407 10.90 -9.79 24.76
N LYS B 408 11.99 -9.12 25.16
CA LYS B 408 13.27 -9.82 25.29
C LYS B 408 13.24 -10.84 26.42
N LYS B 409 12.51 -10.56 27.50
CA LYS B 409 12.42 -11.51 28.61
C LYS B 409 11.73 -12.79 28.18
N ARG B 410 10.64 -12.69 27.42
CA ARG B 410 9.87 -13.86 26.99
C ARG B 410 10.46 -14.39 25.69
N PHE B 411 11.54 -15.15 25.82
CA PHE B 411 12.24 -15.75 24.69
C PHE B 411 12.26 -17.26 24.86
N LYS B 412 11.82 -17.98 23.82
CA LYS B 412 11.78 -19.43 23.83
C LYS B 412 12.68 -19.99 22.73
N MET B 413 13.34 -21.10 23.03
CA MET B 413 14.28 -21.71 22.10
C MET B 413 13.58 -22.82 21.32
N VAL B 414 12.62 -22.41 20.49
CA VAL B 414 11.86 -23.29 19.63
C VAL B 414 11.66 -22.60 18.29
N TYR B 415 10.98 -23.30 17.37
CA TYR B 415 10.61 -22.73 16.09
C TYR B 415 9.38 -23.44 15.57
N VAL B 416 8.30 -22.69 15.37
CA VAL B 416 7.07 -23.22 14.77
C VAL B 416 6.68 -22.31 13.62
N PRO B 417 6.50 -22.83 12.41
CA PRO B 417 6.16 -21.96 11.28
C PRO B 417 4.85 -21.23 11.50
N ASN B 418 4.80 -19.98 11.05
CA ASN B 418 3.60 -19.17 11.23
C ASN B 418 2.43 -19.77 10.45
N TRP B 419 1.24 -19.69 11.04
CA TRP B 419 0.06 -20.25 10.41
C TRP B 419 -1.15 -19.34 10.48
N PHE B 420 -0.99 -18.08 10.89
CA PHE B 420 -2.10 -17.14 10.95
C PHE B 420 -1.55 -15.73 10.81
N SER B 421 -2.44 -14.76 10.89
CA SER B 421 -2.07 -13.34 10.83
C SER B 421 -2.99 -12.56 11.76
N VAL B 422 -2.51 -11.39 12.18
CA VAL B 422 -3.21 -10.54 13.13
C VAL B 422 -3.49 -9.20 12.48
N ASP B 423 -4.74 -8.74 12.57
CA ASP B 423 -5.16 -7.46 12.03
C ASP B 423 -5.55 -6.54 13.17
N LEU B 424 -4.99 -5.33 13.18
CA LEU B 424 -5.19 -4.39 14.27
C LEU B 424 -6.27 -3.34 13.96
N LYS B 425 -6.96 -3.47 12.85
CA LYS B 425 -8.08 -2.58 12.56
C LYS B 425 -9.24 -2.89 13.50
N THR B 426 -10.14 -1.92 13.65
CA THR B 426 -11.26 -1.92 14.59
C THR B 426 -10.81 -1.99 16.04
N GLY B 427 -9.52 -1.83 16.32
CA GLY B 427 -9.04 -1.78 17.68
C GLY B 427 -9.17 -3.06 18.47
N MET B 428 -9.30 -4.20 17.80
CA MET B 428 -9.41 -5.49 18.48
C MET B 428 -8.60 -6.52 17.72
N LEU B 429 -8.52 -7.72 18.30
CA LEU B 429 -7.74 -8.80 17.72
C LEU B 429 -8.57 -9.58 16.71
N THR B 430 -8.06 -9.69 15.49
CA THR B 430 -8.69 -10.48 14.44
C THR B 430 -7.65 -11.43 13.87
N ILE B 431 -7.99 -12.71 13.81
CA ILE B 431 -7.08 -13.76 13.34
C ILE B 431 -7.65 -14.34 12.06
N THR B 432 -6.84 -14.32 11.01
CA THR B 432 -7.27 -14.78 9.69
C THR B 432 -6.52 -16.05 9.32
N LEU B 433 -7.25 -17.04 8.82
CA LEU B 433 -6.68 -18.31 8.38
C LEU B 433 -6.81 -18.44 6.88
N ASP B 434 -5.69 -18.68 6.21
CA ASP B 434 -5.64 -18.77 4.76
C ASP B 434 -5.32 -20.21 4.36
N GLU B 435 -5.81 -20.60 3.18
CA GLU B 435 -5.64 -21.98 2.73
C GLU B 435 -4.18 -22.33 2.49
N SER B 436 -3.34 -21.32 2.21
CA SER B 436 -1.96 -21.60 1.84
C SER B 436 -1.16 -22.17 3.00
N ASP B 437 -1.33 -21.61 4.21
CA ASP B 437 -0.46 -21.96 5.33
C ASP B 437 -1.22 -22.23 6.62
N CYS B 438 -2.53 -22.51 6.55
CA CYS B 438 -3.26 -22.84 7.76
C CYS B 438 -2.81 -24.15 8.37
N PHE B 439 -2.50 -25.15 7.53
CA PHE B 439 -2.09 -26.47 7.99
C PHE B 439 -0.59 -26.67 7.88
N ALA B 440 0.19 -25.61 8.05
CA ALA B 440 1.64 -25.65 7.88
C ALA B 440 2.40 -25.81 9.18
N ALA B 441 1.72 -26.01 10.31
CA ALA B 441 2.37 -26.08 11.61
C ALA B 441 1.97 -27.39 12.30
N TRP B 442 2.94 -28.29 12.44
CA TRP B 442 2.77 -29.52 13.22
C TRP B 442 3.57 -29.40 14.50
N VAL B 443 2.96 -29.72 15.64
CA VAL B 443 3.61 -29.64 16.93
C VAL B 443 3.42 -30.95 17.68
N SER B 444 4.31 -31.20 18.62
CA SER B 444 4.21 -32.39 19.46
C SER B 444 3.07 -32.23 20.47
N ALA B 445 2.67 -33.35 21.06
CA ALA B 445 1.57 -33.32 22.02
C ALA B 445 1.96 -32.57 23.29
N LYS B 446 3.15 -32.84 23.81
CA LYS B 446 3.58 -32.18 25.05
C LYS B 446 3.97 -30.73 24.80
N ASP B 447 4.43 -30.41 23.58
CA ASP B 447 4.74 -29.03 23.25
C ASP B 447 3.49 -28.17 23.29
N ALA B 448 2.37 -28.69 22.78
CA ALA B 448 1.11 -27.94 22.79
C ALA B 448 0.53 -27.81 24.18
N GLY B 449 0.99 -28.60 25.15
CA GLY B 449 0.51 -28.55 26.50
C GLY B 449 -0.52 -29.61 26.85
N PHE B 450 -1.15 -30.22 25.85
CA PHE B 450 -2.15 -31.24 26.10
C PHE B 450 -1.46 -32.56 26.44
N SER B 451 -2.26 -33.62 26.60
CA SER B 451 -1.73 -34.94 26.94
C SER B 451 -2.40 -36.02 26.10
N ASP B 457 3.19 -40.80 21.01
CA ASP B 457 2.94 -39.38 21.24
C ASP B 457 2.21 -38.76 20.05
N PRO B 458 1.02 -38.23 20.29
CA PRO B 458 0.23 -37.63 19.21
C PRO B 458 0.96 -36.46 18.56
N LYS B 459 0.79 -36.33 17.26
CA LYS B 459 1.36 -35.24 16.47
C LYS B 459 0.21 -34.36 16.02
N LEU B 460 -0.08 -33.31 16.78
CA LEU B 460 -1.25 -32.49 16.55
C LEU B 460 -1.02 -31.52 15.40
N ASN B 461 -2.12 -30.94 14.92
CA ASN B 461 -2.10 -29.87 13.92
C ASN B 461 -2.91 -28.71 14.47
N LEU B 462 -2.29 -27.53 14.57
CA LEU B 462 -2.94 -26.40 15.22
C LEU B 462 -4.11 -25.88 14.37
N GLY B 463 -3.87 -25.67 13.08
CA GLY B 463 -4.93 -25.15 12.22
C GLY B 463 -6.11 -26.10 12.12
N GLY B 464 -5.83 -27.40 11.99
CA GLY B 464 -6.92 -28.37 11.94
C GLY B 464 -7.74 -28.38 13.21
N LEU B 465 -7.07 -28.32 14.37
CA LEU B 465 -7.80 -28.27 15.63
C LEU B 465 -8.65 -27.02 15.74
N LEU B 466 -8.12 -25.87 15.34
CA LEU B 466 -8.88 -24.64 15.41
C LEU B 466 -10.11 -24.71 14.50
N LEU B 467 -9.93 -25.20 13.27
CA LEU B 467 -11.05 -25.25 12.34
C LEU B 467 -12.08 -26.30 12.75
N GLN B 468 -11.64 -27.35 13.44
CA GLN B 468 -12.60 -28.30 14.01
C GLN B 468 -13.37 -27.67 15.16
N ALA B 469 -12.72 -26.82 15.96
CA ALA B 469 -13.37 -26.21 17.11
C ALA B 469 -14.37 -25.14 16.70
N LEU B 470 -14.06 -24.36 15.66
CA LEU B 470 -14.95 -23.28 15.24
C LEU B 470 -16.31 -23.82 14.83
N LEU B 471 -16.34 -24.62 13.76
CA LEU B 471 -17.60 -25.18 13.25
C LEU B 471 -17.91 -26.49 13.96
N GLU B 472 -18.36 -26.37 15.21
CA GLU B 472 -18.62 -27.53 16.04
C GLU B 472 -20.10 -27.84 16.21
N TYR B 473 -20.97 -26.83 16.21
CA TYR B 473 -22.41 -27.08 16.27
C TYR B 473 -22.99 -27.42 14.90
N TRP B 474 -22.20 -27.35 13.84
CA TRP B 474 -22.66 -27.68 12.50
C TRP B 474 -23.02 -29.16 12.44
N PRO B 475 -24.27 -29.51 12.09
CA PRO B 475 -24.68 -30.91 12.13
C PRO B 475 -23.93 -31.81 11.15
N ARG B 476 -23.30 -31.24 10.11
CA ARG B 476 -22.58 -32.07 9.15
C ARG B 476 -21.29 -32.64 9.71
N THR B 477 -20.74 -32.04 10.77
CA THR B 477 -19.48 -32.49 11.34
C THR B 477 -19.65 -33.60 12.38
N HIS B 478 -20.88 -33.91 12.77
CA HIS B 478 -21.09 -34.89 13.82
C HIS B 478 -20.81 -36.31 13.33
N VAL B 479 -20.58 -37.20 14.29
CA VAL B 479 -20.33 -38.61 14.02
C VAL B 479 -21.16 -39.43 15.00
N ASN B 480 -21.35 -40.70 14.68
CA ASN B 480 -22.09 -41.61 15.54
C ASN B 480 -21.42 -41.75 16.90
N GLY B 503 -9.89 -28.83 18.12
CA GLY B 503 -10.72 -28.63 19.30
C GLY B 503 -11.69 -29.77 19.52
N ASN B 504 -11.30 -30.96 19.08
CA ASN B 504 -12.11 -32.17 19.25
C ASN B 504 -11.45 -33.03 20.33
N GLY B 505 -11.98 -32.94 21.54
CA GLY B 505 -11.44 -33.69 22.65
C GLY B 505 -10.31 -33.02 23.40
N TYR B 506 -9.91 -31.81 23.00
CA TYR B 506 -8.81 -31.11 23.66
C TYR B 506 -9.25 -29.83 24.35
N PHE B 507 -9.94 -28.94 23.65
CA PHE B 507 -10.39 -27.68 24.22
C PHE B 507 -11.68 -27.26 23.54
N GLN B 508 -12.15 -26.05 23.83
CA GLN B 508 -13.36 -25.52 23.24
C GLN B 508 -13.26 -24.01 23.16
N VAL B 509 -13.40 -23.47 21.95
CA VAL B 509 -13.43 -22.02 21.78
C VAL B 509 -14.67 -21.46 22.47
N PRO B 510 -14.59 -20.33 23.16
CA PRO B 510 -15.77 -19.79 23.86
C PRO B 510 -16.92 -19.57 22.90
N PRO B 511 -18.15 -19.86 23.33
CA PRO B 511 -19.27 -19.85 22.39
C PRO B 511 -19.87 -18.47 22.16
N HIS B 512 -19.02 -17.47 21.93
CA HIS B 512 -19.51 -16.16 21.50
C HIS B 512 -18.59 -15.50 20.48
N THR B 513 -17.60 -16.21 19.95
CA THR B 513 -16.67 -15.62 19.00
C THR B 513 -17.30 -15.56 17.62
N PRO B 514 -17.41 -14.38 17.01
CA PRO B 514 -17.91 -14.32 15.62
C PRO B 514 -17.00 -15.07 14.67
N VAL B 515 -17.61 -15.70 13.67
CA VAL B 515 -16.90 -16.40 12.61
C VAL B 515 -17.29 -15.76 11.29
N ILE B 516 -16.29 -15.37 10.49
CA ILE B 516 -16.50 -14.59 9.28
C ILE B 516 -15.86 -15.32 8.11
N PHE B 517 -16.62 -15.49 7.04
CA PHE B 517 -16.12 -16.03 5.78
C PHE B 517 -16.03 -14.88 4.79
N GLY B 518 -14.82 -14.43 4.49
CA GLY B 518 -14.65 -13.28 3.63
C GLY B 518 -13.76 -13.53 2.44
N GLU B 519 -13.87 -12.69 1.41
CA GLU B 519 -13.04 -12.82 0.22
C GLU B 519 -11.66 -12.25 0.48
N ALA B 520 -10.79 -12.35 -0.53
CA ALA B 520 -9.43 -11.85 -0.41
C ALA B 520 -9.40 -10.32 -0.46
N GLY B 521 -9.42 -9.69 0.71
CA GLY B 521 -9.39 -8.24 0.77
C GLY B 521 -10.60 -7.57 0.15
N GLY B 522 -11.80 -8.08 0.44
CA GLY B 522 -13.01 -7.53 -0.15
C GLY B 522 -14.27 -7.80 0.64
N ARG B 523 -15.35 -8.11 -0.08
CA ARG B 523 -16.64 -8.31 0.54
C ARG B 523 -16.65 -9.60 1.37
N THR B 524 -17.41 -9.58 2.46
CA THR B 524 -17.59 -10.74 3.32
C THR B 524 -18.87 -11.46 2.92
N LEU B 525 -18.75 -12.74 2.55
CA LEU B 525 -19.90 -13.50 2.09
C LEU B 525 -20.84 -13.89 3.22
N PHE B 526 -20.37 -13.88 4.46
CA PHE B 526 -21.19 -14.34 5.57
C PHE B 526 -20.64 -13.76 6.87
N ARG B 527 -21.41 -13.94 7.94
CA ARG B 527 -20.98 -13.56 9.28
C ARG B 527 -21.82 -14.39 10.25
N LEU B 528 -21.15 -15.19 11.07
CA LEU B 528 -21.85 -16.16 11.90
C LEU B 528 -21.34 -16.08 13.34
N LEU B 529 -22.24 -16.40 14.28
CA LEU B 529 -21.87 -16.57 15.66
C LEU B 529 -21.62 -18.05 15.93
N CYS B 530 -20.55 -18.35 16.67
CA CYS B 530 -20.19 -19.75 16.90
C CYS B 530 -21.29 -20.51 17.64
N ARG B 531 -22.04 -19.82 18.49
CA ARG B 531 -23.13 -20.47 19.22
C ARG B 531 -24.33 -20.74 18.31
N ASP B 532 -24.65 -19.79 17.43
CA ASP B 532 -25.85 -19.89 16.59
C ASP B 532 -25.46 -20.54 15.26
N SER B 533 -25.42 -21.87 15.26
CA SER B 533 -25.10 -22.62 14.05
C SER B 533 -26.00 -23.81 13.80
N GLY B 534 -26.78 -24.26 14.77
CA GLY B 534 -27.64 -25.41 14.63
C GLY B 534 -29.03 -25.14 14.10
N GLY B 535 -29.32 -23.92 13.68
CA GLY B 535 -30.63 -23.56 13.18
C GLY B 535 -30.85 -24.00 11.75
N GLU B 536 -31.93 -23.49 11.17
CA GLU B 536 -32.31 -23.85 9.81
C GLU B 536 -31.66 -22.92 8.78
N THR B 537 -31.89 -21.61 8.91
CA THR B 537 -31.34 -20.66 7.96
C THR B 537 -29.81 -20.64 8.02
N GLU B 538 -29.25 -20.74 9.23
CA GLU B 538 -27.80 -20.76 9.38
C GLU B 538 -27.19 -21.97 8.67
N SER B 539 -27.81 -23.14 8.84
CA SER B 539 -27.33 -24.33 8.15
C SER B 539 -27.49 -24.19 6.64
N MET B 540 -28.60 -23.59 6.19
CA MET B 540 -28.83 -23.43 4.76
C MET B 540 -27.76 -22.55 4.13
N LEU B 541 -27.37 -21.47 4.80
CA LEU B 541 -26.31 -20.62 4.27
C LEU B 541 -24.93 -21.26 4.42
N LEU B 542 -24.72 -22.05 5.49
CA LEU B 542 -23.42 -22.68 5.69
C LEU B 542 -23.16 -23.78 4.69
N ASN B 543 -24.22 -24.45 4.21
CA ASN B 543 -24.04 -25.49 3.21
C ASN B 543 -23.45 -24.96 1.91
N GLU B 544 -23.58 -23.66 1.65
CA GLU B 544 -23.11 -23.06 0.40
C GLU B 544 -21.99 -22.04 0.57
N THR B 545 -21.81 -21.48 1.76
CA THR B 545 -20.83 -20.41 1.94
C THR B 545 -19.42 -20.92 2.26
N VAL B 546 -19.30 -22.04 2.96
CA VAL B 546 -17.97 -22.53 3.34
C VAL B 546 -17.23 -23.01 2.10
N PRO B 547 -15.91 -22.82 2.02
CA PRO B 547 -15.17 -23.31 0.85
C PRO B 547 -15.00 -24.81 0.87
N GLN B 548 -14.23 -25.35 -0.08
CA GLN B 548 -14.03 -26.80 -0.13
C GLN B 548 -12.95 -27.26 0.84
N TRP B 549 -11.83 -26.53 0.90
CA TRP B 549 -10.69 -26.97 1.71
C TRP B 549 -11.00 -26.98 3.20
N VAL B 550 -12.06 -26.29 3.62
CA VAL B 550 -12.51 -26.42 5.00
C VAL B 550 -13.37 -27.66 5.17
N ILE B 551 -14.19 -27.98 4.16
CA ILE B 551 -15.05 -29.15 4.24
C ILE B 551 -14.22 -30.44 4.26
N ASP B 552 -13.21 -30.52 3.40
CA ASP B 552 -12.41 -31.75 3.35
C ASP B 552 -11.68 -32.02 4.67
N ILE B 553 -11.46 -30.99 5.48
CA ILE B 553 -10.76 -31.18 6.75
C ILE B 553 -11.74 -31.42 7.89
N THR B 554 -12.83 -30.65 7.95
CA THR B 554 -13.75 -30.77 9.07
C THR B 554 -14.83 -31.83 8.84
N VAL B 555 -15.56 -31.75 7.73
CA VAL B 555 -16.68 -32.67 7.51
C VAL B 555 -16.17 -34.09 7.32
N ASP B 556 -15.12 -34.25 6.51
CA ASP B 556 -14.47 -35.54 6.31
C ASP B 556 -13.11 -35.54 7.00
N LYS B 557 -12.69 -36.73 7.44
CA LYS B 557 -11.42 -36.88 8.13
C LYS B 557 -10.33 -37.10 7.09
N ASN B 558 -9.78 -36.00 6.58
CA ASN B 558 -8.66 -36.03 5.66
C ASN B 558 -7.43 -35.47 6.38
N MET B 559 -6.38 -36.28 6.46
CA MET B 559 -5.16 -35.86 7.15
C MET B 559 -4.36 -34.91 6.26
N PRO B 560 -4.10 -33.68 6.70
CA PRO B 560 -3.30 -32.76 5.89
C PRO B 560 -1.87 -33.27 5.72
N LYS B 561 -1.22 -32.77 4.67
CA LYS B 561 0.11 -33.25 4.31
C LYS B 561 1.15 -32.80 5.33
N PHE B 562 2.28 -33.49 5.33
CA PHE B 562 3.40 -33.23 6.23
C PHE B 562 4.58 -32.68 5.43
N ASN B 563 5.70 -32.46 6.13
CA ASN B 563 6.87 -31.82 5.54
C ASN B 563 8.10 -32.65 5.86
N LYS B 564 9.09 -32.60 4.95
CA LYS B 564 10.36 -33.27 5.13
C LYS B 564 11.48 -32.37 4.63
N ILE B 565 12.68 -32.61 5.15
CA ILE B 565 13.84 -31.77 4.83
C ILE B 565 15.08 -32.64 4.72
N PRO B 566 15.93 -32.43 3.71
CA PRO B 566 17.17 -33.19 3.61
C PRO B 566 18.29 -32.58 4.44
N PHE B 567 19.24 -33.43 4.80
CA PHE B 567 20.39 -32.99 5.58
C PHE B 567 21.56 -33.93 5.37
N TYR B 568 22.75 -33.36 5.19
CA TYR B 568 23.95 -34.13 4.87
C TYR B 568 24.69 -34.50 6.15
N LEU B 569 24.91 -35.80 6.35
CA LEU B 569 25.73 -36.29 7.45
C LEU B 569 27.12 -36.64 6.93
N GLN B 570 28.15 -36.24 7.68
CA GLN B 570 29.51 -36.44 7.20
C GLN B 570 30.47 -36.64 8.36
N PRO B 571 31.16 -37.80 8.41
CA PRO B 571 32.11 -38.05 9.51
C PRO B 571 33.33 -37.14 9.47
N HIS B 572 33.15 -35.85 9.78
CA HIS B 572 34.29 -34.94 9.87
C HIS B 572 34.91 -35.02 11.26
N ARG B 584 22.75 -38.64 2.03
CA ARG B 584 21.47 -37.95 1.95
C ARG B 584 20.38 -38.71 2.69
N LEU B 585 19.69 -37.99 3.58
CA LEU B 585 18.57 -38.54 4.33
C LEU B 585 17.40 -37.58 4.26
N SER B 586 16.19 -38.14 4.35
CA SER B 586 14.96 -37.36 4.40
C SER B 586 14.21 -37.72 5.68
N ALA B 587 13.95 -36.72 6.51
CA ALA B 587 13.31 -36.91 7.80
C ALA B 587 12.26 -35.85 8.04
N SER B 588 11.30 -36.17 8.90
CA SER B 588 10.23 -35.23 9.24
C SER B 588 10.80 -33.99 9.90
N ASP B 589 10.10 -32.87 9.73
CA ASP B 589 10.60 -31.60 10.24
C ASP B 589 10.75 -31.61 11.75
N MET B 590 9.75 -32.13 12.47
CA MET B 590 9.81 -32.12 13.93
C MET B 590 10.43 -33.41 14.44
N LEU B 591 11.64 -33.72 14.00
CA LEU B 591 12.38 -34.89 14.45
C LEU B 591 13.51 -34.41 15.36
N GLN B 592 13.52 -34.90 16.59
CA GLN B 592 14.56 -34.52 17.53
C GLN B 592 15.91 -35.10 17.11
N VAL B 593 16.97 -34.37 17.43
CA VAL B 593 18.33 -34.84 17.19
C VAL B 593 18.59 -36.14 17.96
N ARG B 594 17.79 -36.43 18.98
CA ARG B 594 17.90 -37.69 19.69
C ARG B 594 17.80 -38.88 18.76
N LYS B 595 17.02 -38.78 17.69
CA LYS B 595 16.87 -39.88 16.75
C LYS B 595 18.00 -39.92 15.72
N VAL B 596 18.58 -38.78 15.38
CA VAL B 596 19.77 -38.78 14.54
C VAL B 596 20.97 -39.36 15.28
N MET B 597 20.99 -39.24 16.61
CA MET B 597 22.03 -39.89 17.40
C MET B 597 21.83 -41.40 17.42
N GLU B 598 20.59 -41.85 17.62
CA GLU B 598 20.31 -43.29 17.63
C GLU B 598 20.52 -43.91 16.26
N HIS B 599 20.41 -43.13 15.19
CA HIS B 599 20.56 -43.67 13.85
C HIS B 599 22.03 -43.90 13.51
N VAL B 600 22.89 -42.91 13.79
CA VAL B 600 24.30 -43.03 13.46
C VAL B 600 24.96 -44.09 14.34
N TYR B 601 24.54 -44.16 15.61
CA TYR B 601 25.11 -45.17 16.51
C TYR B 601 24.84 -46.57 16.00
N GLU B 602 23.60 -46.84 15.59
CA GLU B 602 23.20 -48.20 15.22
C GLU B 602 23.67 -48.60 13.82
N LYS B 603 24.23 -47.67 13.06
CA LYS B 603 24.76 -48.00 11.74
C LYS B 603 26.27 -48.21 11.74
N ILE B 604 26.98 -47.68 12.74
CA ILE B 604 28.44 -47.71 12.72
C ILE B 604 28.99 -48.36 13.99
N ILE B 605 28.26 -49.31 14.54
CA ILE B 605 28.78 -50.12 15.64
C ILE B 605 29.75 -51.16 15.09
N ASN B 606 30.91 -51.28 15.72
CA ASN B 606 31.88 -52.31 15.35
C ASN B 606 31.83 -53.47 16.34
N VAL B 633 20.70 -45.06 25.85
CA VAL B 633 21.71 -44.88 26.88
C VAL B 633 23.10 -44.98 26.27
N LEU B 634 23.41 -46.16 25.70
CA LEU B 634 24.71 -46.34 25.06
C LEU B 634 24.86 -45.41 23.86
N ALA B 635 23.80 -45.25 23.07
CA ALA B 635 23.85 -44.32 21.95
C ALA B 635 23.92 -42.88 22.42
N GLU B 636 23.24 -42.57 23.53
CA GLU B 636 23.25 -41.20 24.05
C GLU B 636 24.62 -40.82 24.59
N GLU B 637 25.32 -41.77 25.21
CA GLU B 637 26.55 -41.48 25.93
C GLU B 637 27.79 -41.53 25.05
N LYS B 638 27.75 -42.20 23.90
CA LYS B 638 28.95 -42.45 23.12
C LYS B 638 29.03 -41.67 21.82
N ILE B 639 28.08 -40.79 21.52
CA ILE B 639 28.13 -39.99 20.31
C ILE B 639 27.49 -38.63 20.57
N GLU B 640 28.00 -37.59 19.92
CA GLU B 640 27.44 -36.25 19.97
C GLU B 640 27.63 -35.59 18.61
N LEU B 641 26.59 -34.94 18.11
CA LEU B 641 26.61 -34.32 16.80
C LEU B 641 27.04 -32.86 16.92
N LEU B 642 27.81 -32.40 15.93
CA LEU B 642 28.26 -31.02 15.86
C LEU B 642 27.68 -30.37 14.62
N CYS B 643 27.12 -29.16 14.79
CA CYS B 643 26.61 -28.38 13.67
C CYS B 643 27.23 -26.98 13.76
N GLN B 644 28.02 -26.64 12.75
CA GLN B 644 28.79 -25.38 12.74
C GLN B 644 29.70 -25.28 13.95
N ASP B 645 30.18 -26.43 14.44
CA ASP B 645 31.05 -26.56 15.61
C ASP B 645 30.35 -26.20 16.91
N GLN B 646 29.04 -26.34 16.98
CA GLN B 646 28.29 -26.22 18.23
C GLN B 646 27.78 -27.58 18.66
N VAL B 647 27.99 -27.93 19.93
CA VAL B 647 27.49 -29.19 20.45
C VAL B 647 25.98 -29.11 20.59
N LEU B 648 25.27 -30.09 20.04
CA LEU B 648 23.83 -30.05 19.94
C LEU B 648 23.18 -30.67 21.19
N ASP B 649 22.17 -29.99 21.70
CA ASP B 649 21.38 -30.52 22.81
C ASP B 649 20.47 -31.62 22.29
N PRO B 650 20.45 -32.80 22.93
CA PRO B 650 19.65 -33.90 22.39
C PRO B 650 18.16 -33.80 22.70
N ASN B 651 17.58 -32.61 22.51
CA ASN B 651 16.13 -32.45 22.53
C ASN B 651 15.60 -31.48 21.49
N MET B 652 16.39 -30.54 20.99
CA MET B 652 15.93 -29.59 19.99
C MET B 652 15.94 -30.22 18.61
N ASP B 653 14.88 -29.98 17.85
CA ASP B 653 14.59 -30.76 16.65
C ASP B 653 15.27 -30.14 15.43
N LEU B 654 15.05 -30.78 14.27
CA LEU B 654 15.80 -30.44 13.07
C LEU B 654 15.41 -29.08 12.51
N ARG B 655 14.13 -28.72 12.58
CA ARG B 655 13.67 -27.51 11.89
C ARG B 655 14.20 -26.24 12.55
N THR B 656 14.58 -26.30 13.83
CA THR B 656 15.20 -25.15 14.47
C THR B 656 16.72 -25.17 14.40
N VAL B 657 17.33 -26.32 14.12
CA VAL B 657 18.75 -26.36 13.79
C VAL B 657 19.00 -25.55 12.53
N LYS B 658 18.16 -25.72 11.52
CA LYS B 658 18.30 -25.00 10.27
C LYS B 658 18.10 -23.50 10.47
N HIS B 659 17.15 -23.11 11.31
CA HIS B 659 16.77 -21.70 11.39
C HIS B 659 17.59 -20.89 12.38
N PHE B 660 18.15 -21.50 13.42
CA PHE B 660 18.81 -20.75 14.47
C PHE B 660 20.32 -20.97 14.53
N ILE B 661 20.83 -22.12 14.11
CA ILE B 661 22.26 -22.40 14.15
C ILE B 661 22.87 -22.37 12.76
N TRP B 662 22.23 -23.01 11.78
CA TRP B 662 22.73 -23.04 10.42
C TRP B 662 22.32 -21.76 9.70
N LYS B 663 23.24 -21.23 8.91
CA LYS B 663 22.98 -19.99 8.17
C LYS B 663 23.56 -20.05 6.76
N ASP B 667 21.69 -26.98 1.42
CA ASP B 667 21.02 -27.90 2.34
C ASP B 667 21.79 -27.97 3.66
N LEU B 668 21.07 -28.34 4.73
CA LEU B 668 21.69 -28.43 6.05
C LEU B 668 22.72 -29.56 6.07
N THR B 669 23.82 -29.31 6.78
CA THR B 669 24.89 -30.29 6.93
C THR B 669 25.26 -30.43 8.40
N LEU B 670 25.52 -31.65 8.83
CA LEU B 670 25.93 -31.94 10.19
C LEU B 670 27.24 -32.72 10.18
N HIS B 671 27.90 -32.74 11.34
CA HIS B 671 29.11 -33.52 11.53
C HIS B 671 29.00 -34.27 12.85
N TYR B 672 29.58 -35.46 12.89
CA TYR B 672 29.49 -36.31 14.07
C TYR B 672 30.89 -36.80 14.46
N ARG B 673 31.13 -36.85 15.77
CA ARG B 673 32.35 -37.41 16.33
C ARG B 673 32.00 -38.31 17.50
N GLN B 674 32.80 -39.36 17.68
CA GLN B 674 32.50 -40.36 18.69
C GLN B 674 32.94 -39.87 20.08
N LYS B 675 32.62 -40.67 21.09
CA LYS B 675 32.95 -40.37 22.48
C LYS B 675 32.46 -38.99 22.91
N ASN C 85 38.83 -3.63 -37.44
CA ASN C 85 39.18 -3.02 -36.16
C ASN C 85 38.14 -3.33 -35.09
N ASN C 86 36.87 -3.13 -35.44
CA ASN C 86 35.75 -3.36 -34.54
C ASN C 86 34.81 -4.36 -35.20
N LEU C 87 35.04 -5.65 -34.96
CA LEU C 87 34.18 -6.68 -35.52
C LEU C 87 32.78 -6.57 -34.91
N GLY C 88 31.77 -6.76 -35.75
CA GLY C 88 30.42 -6.39 -35.40
C GLY C 88 29.64 -7.34 -34.52
N ASN C 89 30.32 -8.06 -33.63
CA ASN C 89 29.64 -8.88 -32.63
C ASN C 89 29.63 -8.24 -31.25
N THR C 90 30.34 -7.13 -31.07
CA THR C 90 30.29 -6.33 -29.85
C THR C 90 29.74 -4.97 -30.25
N CYS C 91 28.41 -4.87 -30.31
CA CYS C 91 27.73 -3.66 -30.75
C CYS C 91 27.17 -2.84 -29.61
N TYR C 92 27.23 -3.35 -28.38
CA TYR C 92 26.77 -2.64 -27.19
C TYR C 92 27.92 -1.93 -26.47
N LEU C 93 29.00 -2.67 -26.19
CA LEU C 93 30.16 -2.08 -25.54
C LEU C 93 30.78 -0.99 -26.41
N ASN C 94 30.82 -1.22 -27.73
CA ASN C 94 31.36 -0.21 -28.63
C ASN C 94 30.57 1.10 -28.51
N SER C 95 29.24 1.02 -28.61
CA SER C 95 28.42 2.22 -28.55
C SER C 95 28.56 2.91 -27.20
N ILE C 96 28.56 2.14 -26.11
CA ILE C 96 28.67 2.75 -24.79
C ILE C 96 30.02 3.45 -24.63
N LEU C 97 31.11 2.83 -25.09
CA LEU C 97 32.41 3.46 -25.01
C LEU C 97 32.47 4.73 -25.84
N GLN C 98 31.91 4.70 -27.05
CA GLN C 98 31.94 5.89 -27.90
C GLN C 98 31.13 7.03 -27.30
N VAL C 99 30.01 6.71 -26.64
CA VAL C 99 29.23 7.76 -26.00
C VAL C 99 29.98 8.31 -24.78
N LEU C 100 30.62 7.43 -24.00
CA LEU C 100 31.27 7.87 -22.78
C LEU C 100 32.53 8.68 -23.07
N TYR C 101 33.23 8.38 -24.16
CA TYR C 101 34.47 9.09 -24.48
C TYR C 101 34.22 10.58 -24.66
N PHE C 102 33.05 10.96 -25.16
CA PHE C 102 32.73 12.36 -25.40
C PHE C 102 32.01 13.03 -24.22
N CYS C 103 31.82 12.30 -23.12
CA CYS C 103 31.21 12.90 -21.94
C CYS C 103 32.16 13.94 -21.34
N PRO C 104 31.64 15.04 -20.79
CA PRO C 104 32.52 16.06 -20.22
C PRO C 104 33.21 15.57 -18.95
N GLY C 105 34.51 15.85 -18.87
CA GLY C 105 35.28 15.55 -17.67
C GLY C 105 35.36 14.07 -17.33
N PHE C 106 35.50 13.21 -18.34
CA PHE C 106 35.65 11.78 -18.12
C PHE C 106 37.05 11.29 -18.44
N LYS C 107 37.59 11.66 -19.61
CA LYS C 107 38.94 11.23 -19.97
C LYS C 107 39.99 11.88 -19.07
N SER C 108 39.70 13.06 -18.52
CA SER C 108 40.64 13.70 -17.60
C SER C 108 40.62 13.01 -16.23
N GLY C 109 39.44 12.67 -15.74
CA GLY C 109 39.34 12.04 -14.42
C GLY C 109 39.96 10.66 -14.37
N VAL C 110 39.71 9.85 -15.40
CA VAL C 110 40.23 8.48 -15.42
C VAL C 110 41.75 8.48 -15.45
N LYS C 111 42.36 9.45 -16.14
CA LYS C 111 43.80 9.56 -16.13
C LYS C 111 44.33 9.85 -14.73
N HIS C 112 43.55 10.56 -13.91
CA HIS C 112 43.99 10.84 -12.54
C HIS C 112 43.91 9.61 -11.67
N LEU C 113 42.84 8.81 -11.81
CA LEU C 113 42.71 7.61 -11.00
C LEU C 113 43.83 6.61 -11.30
N PHE C 114 44.19 6.47 -12.58
CA PHE C 114 45.30 5.58 -12.93
C PHE C 114 46.62 6.14 -12.44
N ASN C 115 46.77 7.46 -12.38
CA ASN C 115 48.02 8.04 -11.89
C ASN C 115 48.21 7.76 -10.41
N ILE C 116 47.13 7.73 -9.63
CA ILE C 116 47.24 7.35 -8.23
C ILE C 116 47.66 5.89 -8.10
N ILE C 117 47.08 5.02 -8.92
CA ILE C 117 47.52 3.62 -8.96
C ILE C 117 48.97 3.53 -9.43
N SER C 118 49.38 4.46 -10.29
CA SER C 118 50.71 4.37 -10.90
C SER C 118 51.82 4.44 -9.87
N ARG C 119 51.69 5.30 -8.87
CA ARG C 119 52.71 5.43 -7.84
C ARG C 119 52.38 4.66 -6.56
N LYS C 120 51.13 4.22 -6.38
CA LYS C 120 50.82 3.38 -5.23
C LYS C 120 51.35 1.97 -5.42
N LYS C 121 51.23 1.44 -6.64
CA LYS C 121 51.76 0.11 -6.96
C LYS C 121 52.82 0.20 -8.05
N LEU C 146 40.28 -2.91 -14.08
CA LEU C 146 39.43 -2.25 -15.07
C LEU C 146 39.94 -0.85 -15.38
N ILE C 147 40.44 -0.16 -14.34
CA ILE C 147 40.98 1.18 -14.54
C ILE C 147 42.17 1.15 -15.48
N CYS C 148 43.07 0.17 -15.29
CA CYS C 148 44.23 0.05 -16.17
C CYS C 148 43.83 -0.28 -17.60
N SER C 149 42.71 -0.98 -17.79
CA SER C 149 42.25 -1.29 -19.13
C SER C 149 41.64 -0.07 -19.83
N LEU C 150 40.86 0.71 -19.10
CA LEU C 150 40.24 1.90 -19.70
C LEU C 150 41.27 2.91 -20.15
N GLN C 151 42.33 3.11 -19.36
CA GLN C 151 43.37 4.05 -19.74
C GLN C 151 44.13 3.58 -20.97
N SER C 152 44.26 2.26 -21.15
CA SER C 152 44.94 1.75 -22.34
C SER C 152 44.13 2.02 -23.61
N LEU C 153 42.81 1.81 -23.55
CA LEU C 153 41.97 2.05 -24.72
C LEU C 153 41.92 3.53 -25.07
N ILE C 154 41.85 4.40 -24.06
CA ILE C 154 41.78 5.84 -24.31
C ILE C 154 43.02 6.33 -25.03
N ILE C 155 44.19 5.82 -24.64
CA ILE C 155 45.44 6.21 -25.30
C ILE C 155 45.43 5.78 -26.76
N SER C 156 44.99 4.56 -27.03
CA SER C 156 44.99 4.05 -28.41
C SER C 156 44.07 4.86 -29.30
N VAL C 157 42.86 5.17 -28.82
CA VAL C 157 41.89 5.91 -29.63
C VAL C 157 42.42 7.29 -29.95
N GLU C 158 43.01 7.97 -28.95
CA GLU C 158 43.54 9.31 -29.16
C GLU C 158 44.67 9.32 -30.18
N GLN C 159 45.33 8.18 -30.40
CA GLN C 159 46.37 8.13 -31.42
C GLN C 159 45.78 8.25 -32.82
N LEU C 160 44.59 7.67 -33.03
CA LEU C 160 43.97 7.72 -34.36
C LEU C 160 43.44 9.11 -34.70
N GLN C 161 42.99 9.86 -33.69
CA GLN C 161 42.45 11.20 -33.95
C GLN C 161 43.51 12.14 -34.53
N ALA C 162 44.78 11.92 -34.19
CA ALA C 162 45.84 12.74 -34.76
C ALA C 162 45.96 12.54 -36.27
N SER C 163 45.77 11.30 -36.72
CA SER C 163 45.89 11.01 -38.16
C SER C 163 44.75 11.69 -38.94
N PHE C 164 43.52 11.51 -38.49
CA PHE C 164 42.38 12.07 -39.21
C PHE C 164 42.42 13.59 -39.22
N LEU C 165 42.77 14.19 -38.09
CA LEU C 165 42.82 15.65 -37.98
C LEU C 165 44.06 16.21 -38.66
N ALA C 176 43.41 -1.91 -35.49
CA ALA C 176 42.64 -2.76 -34.59
C ALA C 176 42.60 -2.17 -33.19
N THR C 177 41.60 -1.33 -32.92
CA THR C 177 41.46 -0.72 -31.60
C THR C 177 41.22 -1.75 -30.51
N GLN C 178 40.66 -2.91 -30.87
CA GLN C 178 40.46 -4.04 -29.97
C GLN C 178 39.71 -3.65 -28.70
N PRO C 179 38.41 -3.41 -28.77
CA PRO C 179 37.62 -3.20 -27.55
C PRO C 179 37.36 -4.46 -26.74
N ARG C 180 37.99 -5.58 -27.10
CA ARG C 180 37.80 -6.83 -26.40
C ARG C 180 38.60 -6.91 -25.10
N ARG C 181 39.58 -6.02 -24.91
CA ARG C 181 40.34 -6.01 -23.67
C ARG C 181 39.43 -5.75 -22.48
N LEU C 182 38.51 -4.78 -22.60
CA LEU C 182 37.51 -4.56 -21.57
C LEU C 182 36.57 -5.75 -21.45
N LEU C 183 36.19 -6.34 -22.58
CA LEU C 183 35.23 -7.44 -22.56
C LEU C 183 35.75 -8.63 -21.76
N ASN C 184 37.03 -8.96 -21.93
CA ASN C 184 37.62 -10.05 -21.15
C ASN C 184 37.60 -9.73 -19.66
N THR C 185 37.90 -8.49 -19.30
CA THR C 185 37.92 -8.12 -17.89
C THR C 185 36.51 -7.97 -17.32
N LEU C 186 35.53 -7.63 -18.17
CA LEU C 186 34.16 -7.49 -17.72
C LEU C 186 33.31 -8.66 -18.22
N PRO C 191 29.37 -13.38 -14.76
CA PRO C 191 28.80 -14.67 -15.17
C PRO C 191 27.71 -14.53 -16.23
N MET C 192 27.70 -13.40 -16.93
CA MET C 192 26.72 -13.14 -17.99
C MET C 192 27.36 -12.85 -19.33
N TYR C 193 28.68 -12.91 -19.44
CA TYR C 193 29.40 -12.56 -20.67
C TYR C 193 30.28 -13.73 -21.06
N GLU C 194 29.69 -14.71 -21.75
CA GLU C 194 30.43 -15.86 -22.26
C GLU C 194 30.15 -16.00 -23.75
N GLY C 195 31.22 -16.10 -24.54
CA GLY C 195 31.08 -16.38 -25.96
C GLY C 195 30.45 -15.25 -26.74
N TYR C 196 30.15 -15.55 -28.00
CA TYR C 196 29.48 -14.61 -28.89
C TYR C 196 27.98 -14.65 -28.61
N LEU C 197 27.46 -13.59 -28.01
CA LEU C 197 26.05 -13.54 -27.62
C LEU C 197 25.53 -12.13 -27.87
N GLN C 198 24.29 -11.89 -27.43
CA GLN C 198 23.64 -10.60 -27.57
C GLN C 198 23.19 -10.14 -26.19
N HIS C 199 23.50 -8.88 -25.85
CA HIS C 199 23.19 -8.37 -24.52
C HIS C 199 22.61 -6.96 -24.61
N ASP C 200 22.44 -6.31 -23.46
CA ASP C 200 21.85 -4.99 -23.38
C ASP C 200 22.93 -3.92 -23.23
N ALA C 201 22.56 -2.68 -23.59
CA ALA C 201 23.49 -1.57 -23.48
C ALA C 201 23.46 -0.93 -22.10
N GLN C 202 22.25 -0.72 -21.55
CA GLN C 202 22.15 -0.17 -20.21
C GLN C 202 22.77 -1.10 -19.18
N GLU C 203 22.71 -2.42 -19.42
CA GLU C 203 23.34 -3.37 -18.52
C GLU C 203 24.84 -3.17 -18.44
N VAL C 204 25.50 -3.05 -19.60
CA VAL C 204 26.95 -2.88 -19.58
C VAL C 204 27.32 -1.49 -19.09
N LEU C 205 26.47 -0.48 -19.35
CA LEU C 205 26.71 0.84 -18.79
C LEU C 205 26.70 0.81 -17.26
N GLN C 206 25.70 0.15 -16.69
CA GLN C 206 25.64 0.02 -15.23
C GLN C 206 26.80 -0.80 -14.70
N CYS C 207 27.19 -1.86 -15.42
CA CYS C 207 28.31 -2.68 -14.97
C CYS C 207 29.61 -1.87 -14.93
N ILE C 208 29.86 -1.07 -15.96
CA ILE C 208 31.06 -0.24 -15.98
C ILE C 208 31.01 0.82 -14.89
N LEU C 209 29.84 1.46 -14.71
CA LEU C 209 29.73 2.49 -13.69
C LEU C 209 29.77 1.93 -12.27
N GLY C 210 29.50 0.64 -12.10
CA GLY C 210 29.62 0.01 -10.81
C GLY C 210 31.03 -0.47 -10.55
N ASN C 211 31.71 -0.94 -11.60
CA ASN C 211 33.12 -1.28 -11.47
C ASN C 211 33.95 -0.05 -11.14
N ILE C 212 33.61 1.08 -11.74
CA ILE C 212 34.26 2.35 -11.41
C ILE C 212 33.81 2.82 -10.03
N GLU C 214 33.14 2.03 -6.48
CA GLU C 214 33.68 0.89 -5.76
C GLU C 214 35.20 0.94 -5.71
N THR C 215 35.82 0.89 -6.90
CA THR C 215 37.28 0.96 -6.97
C THR C 215 37.80 2.29 -6.43
N CYS C 216 37.14 3.39 -6.80
CA CYS C 216 37.55 4.69 -6.31
C CYS C 216 37.41 4.79 -4.79
N GLN C 217 36.30 4.28 -4.25
CA GLN C 217 36.10 4.32 -2.80
C GLN C 217 37.14 3.48 -2.08
N LEU C 218 37.43 2.27 -2.60
CA LEU C 218 38.42 1.43 -1.97
C LEU C 218 39.81 2.07 -2.02
N LEU C 219 40.13 2.71 -3.14
CA LEU C 219 41.43 3.37 -3.27
C LEU C 219 41.54 4.57 -2.32
N LYS C 220 40.47 5.35 -2.19
CA LYS C 220 40.53 6.57 -1.40
C LYS C 220 40.37 6.31 0.10
N LYS C 221 39.81 5.16 0.49
CA LYS C 221 39.69 4.87 1.92
C LYS C 221 41.07 4.71 2.56
N GLU C 222 41.99 4.04 1.87
CA GLU C 222 43.31 3.74 2.41
C GLU C 222 44.11 5.02 2.53
N GLU C 223 44.20 5.56 3.75
CA GLU C 223 44.97 6.77 4.01
C GLU C 223 45.61 6.71 5.39
N GLU C 425 36.05 11.56 -7.28
CA GLU C 425 34.65 11.31 -7.59
C GLU C 425 34.36 11.52 -9.07
N LEU C 426 34.20 10.40 -9.79
CA LEU C 426 33.89 10.45 -11.22
C LEU C 426 32.50 9.96 -11.56
N VAL C 427 31.82 9.28 -10.63
CA VAL C 427 30.46 8.83 -10.83
C VAL C 427 29.49 9.57 -9.92
N GLU C 428 29.91 9.85 -8.68
CA GLU C 428 29.06 10.59 -7.75
C GLU C 428 28.76 12.00 -8.24
N LYS C 429 29.60 12.56 -9.10
CA LYS C 429 29.39 13.89 -9.64
C LYS C 429 28.86 13.86 -11.07
N LEU C 430 29.39 12.98 -11.91
CA LEU C 430 28.94 12.92 -13.30
C LEU C 430 27.54 12.32 -13.41
N PHE C 431 27.33 11.15 -12.80
CA PHE C 431 26.07 10.40 -12.96
C PHE C 431 25.55 10.05 -11.56
N GLN C 432 24.87 11.00 -10.92
CA GLN C 432 24.29 10.73 -9.61
C GLN C 432 23.38 11.88 -9.21
N GLY C 433 22.27 11.55 -8.57
CA GLY C 433 21.32 12.54 -8.11
C GLY C 433 20.51 11.99 -6.96
N GLN C 434 19.57 12.81 -6.49
CA GLN C 434 18.69 12.41 -5.40
C GLN C 434 17.26 12.79 -5.74
N LEU C 435 16.32 12.04 -5.18
CA LEU C 435 14.90 12.26 -5.37
C LEU C 435 14.22 12.50 -4.04
N VAL C 436 12.95 12.87 -4.10
CA VAL C 436 12.10 13.01 -2.92
C VAL C 436 10.75 12.40 -3.25
N LEU C 437 10.28 11.49 -2.38
CA LEU C 437 9.03 10.77 -2.60
C LEU C 437 8.05 11.17 -1.51
N ARG C 438 6.87 11.64 -1.91
CA ARG C 438 5.86 12.12 -0.98
C ARG C 438 4.58 11.31 -1.16
N THR C 439 4.08 10.76 -0.05
CA THR C 439 2.83 10.00 -0.04
C THR C 439 1.87 10.68 0.93
N ARG C 440 0.63 10.87 0.49
CA ARG C 440 -0.36 11.61 1.25
C ARG C 440 -1.63 10.78 1.37
N CYS C 441 -1.95 10.36 2.59
CA CYS C 441 -3.22 9.68 2.85
C CYS C 441 -4.37 10.64 2.59
N LEU C 442 -5.43 10.13 1.96
CA LEU C 442 -6.59 10.96 1.64
C LEU C 442 -7.62 10.98 2.76
N GLU C 443 -7.38 10.25 3.85
CA GLU C 443 -8.29 10.24 4.99
C GLU C 443 -7.81 11.17 6.11
N CYS C 444 -6.56 11.06 6.52
CA CYS C 444 -6.01 11.91 7.57
C CYS C 444 -5.16 13.06 7.03
N GLU C 445 -4.83 13.05 5.73
CA GLU C 445 -4.05 14.11 5.10
C GLU C 445 -2.70 14.30 5.80
N SER C 446 -2.00 13.19 6.02
CA SER C 446 -0.67 13.18 6.62
C SER C 446 0.35 12.78 5.58
N LEU C 447 1.45 13.52 5.50
CA LEU C 447 2.46 13.31 4.47
C LEU C 447 3.62 12.48 5.01
N THR C 448 4.43 11.98 4.08
CA THR C 448 5.61 11.18 4.41
C THR C 448 6.63 11.40 3.31
N GLU C 449 7.89 11.61 3.70
CA GLU C 449 8.96 11.92 2.78
C GLU C 449 10.08 10.90 2.89
N ARG C 450 10.58 10.46 1.73
CA ARG C 450 11.70 9.55 1.64
C ARG C 450 12.69 10.06 0.59
N ARG C 451 13.94 9.63 0.71
CA ARG C 451 15.01 10.05 -0.17
C ARG C 451 15.61 8.84 -0.86
N GLU C 452 15.70 8.90 -2.19
CA GLU C 452 16.24 7.80 -2.98
C GLU C 452 17.14 8.37 -4.07
N ASP C 453 18.31 7.75 -4.23
CA ASP C 453 19.26 8.18 -5.27
C ASP C 453 18.88 7.57 -6.60
N PHE C 454 18.99 8.37 -7.66
CA PHE C 454 18.70 7.92 -9.02
C PHE C 454 19.91 8.13 -9.91
N GLN C 455 20.15 7.17 -10.80
CA GLN C 455 21.22 7.26 -11.78
C GLN C 455 20.72 7.48 -13.19
N ASP C 456 19.50 7.04 -13.49
CA ASP C 456 18.87 7.29 -14.78
C ASP C 456 17.36 7.36 -14.56
N ILE C 457 16.68 7.94 -15.53
CA ILE C 457 15.22 8.10 -15.47
C ILE C 457 14.61 7.16 -16.50
N SER C 458 13.85 6.18 -16.02
CA SER C 458 13.08 5.32 -16.90
C SER C 458 11.73 5.97 -17.16
N VAL C 459 11.44 6.24 -18.42
CA VAL C 459 10.27 7.05 -18.76
C VAL C 459 9.35 6.27 -19.69
N PRO C 460 8.03 6.33 -19.51
CA PRO C 460 7.12 5.61 -20.40
C PRO C 460 7.04 6.30 -21.76
N VAL C 461 7.28 5.53 -22.83
CA VAL C 461 7.25 6.08 -24.17
C VAL C 461 5.83 6.48 -24.55
N GLN C 462 4.85 5.63 -24.26
CA GLN C 462 3.47 5.89 -24.66
C GLN C 462 2.53 5.18 -23.70
N GLU C 463 1.34 5.77 -23.53
CA GLU C 463 0.38 5.27 -22.56
C GLU C 463 -0.39 4.08 -23.12
N ASP C 464 -0.89 3.25 -22.21
CA ASP C 464 -1.62 2.04 -22.58
C ASP C 464 -2.93 2.38 -23.30
N LYS C 484 2.93 11.87 -26.44
CA LYS C 484 3.65 12.14 -27.68
C LYS C 484 4.57 13.34 -27.52
N THR C 485 5.21 13.46 -26.35
CA THR C 485 6.18 14.51 -26.08
C THR C 485 7.05 14.07 -24.93
N LEU C 486 8.31 14.51 -24.95
CA LEU C 486 9.22 14.17 -23.86
C LEU C 486 8.76 14.78 -22.54
N ARG C 487 8.29 16.03 -22.58
CA ARG C 487 7.81 16.67 -21.36
C ARG C 487 6.60 15.93 -20.81
N TRP C 488 5.69 15.49 -21.68
CA TRP C 488 4.54 14.72 -21.21
C TRP C 488 4.97 13.40 -20.58
N ALA C 489 5.95 12.73 -21.18
CA ALA C 489 6.42 11.46 -20.63
C ALA C 489 7.08 11.67 -19.26
N ILE C 490 7.89 12.72 -19.12
CA ILE C 490 8.51 13.00 -17.83
C ILE C 490 7.46 13.36 -16.80
N SER C 491 6.42 14.09 -17.22
CA SER C 491 5.32 14.40 -16.31
C SER C 491 4.61 13.14 -15.84
N GLN C 492 4.37 12.20 -16.77
CA GLN C 492 3.77 10.93 -16.38
C GLN C 492 4.66 10.18 -15.40
N PHE C 493 5.97 10.23 -15.61
CA PHE C 493 6.90 9.58 -14.70
C PHE C 493 6.86 10.21 -13.31
N ALA C 494 6.80 11.54 -13.24
CA ALA C 494 6.92 12.27 -11.98
C ALA C 494 5.83 13.34 -11.88
N SER C 495 4.69 12.96 -11.32
CA SER C 495 3.61 13.90 -11.02
C SER C 495 2.67 13.25 -10.03
N VAL C 496 1.59 13.95 -9.72
CA VAL C 496 0.60 13.44 -8.75
C VAL C 496 -0.13 12.26 -9.38
N GLU C 497 -0.06 11.11 -8.72
CA GLU C 497 -0.71 9.90 -9.19
C GLU C 497 -1.35 9.19 -8.00
N ARG C 498 -2.61 8.81 -8.16
CA ARG C 498 -3.38 8.21 -7.08
C ARG C 498 -3.37 6.69 -7.20
N ILE C 499 -3.07 6.02 -6.10
CA ILE C 499 -3.07 4.57 -6.03
C ILE C 499 -4.44 4.13 -5.51
N VAL C 500 -5.25 3.54 -6.39
CA VAL C 500 -6.60 3.13 -6.07
C VAL C 500 -6.78 1.66 -6.45
N GLY C 501 -7.92 1.10 -6.09
CA GLY C 501 -8.22 -0.28 -6.39
C GLY C 501 -7.52 -1.25 -5.47
N GLU C 502 -7.00 -2.34 -6.02
CA GLU C 502 -6.26 -3.31 -5.21
C GLU C 502 -4.97 -2.73 -4.66
N ASP C 503 -4.42 -1.70 -5.30
CA ASP C 503 -3.18 -1.05 -4.85
C ASP C 503 -3.56 0.05 -3.86
N LYS C 504 -3.84 -0.36 -2.64
CA LYS C 504 -4.31 0.54 -1.60
C LYS C 504 -3.21 0.77 -0.57
N TYR C 505 -2.95 2.04 -0.27
CA TYR C 505 -1.96 2.40 0.73
C TYR C 505 -2.44 2.00 2.12
N PHE C 506 -1.53 1.42 2.91
CA PHE C 506 -1.82 1.03 4.29
C PHE C 506 -1.26 2.10 5.21
N CYS C 507 -2.12 3.03 5.63
CA CYS C 507 -1.70 4.14 6.46
C CYS C 507 -1.69 3.71 7.92
N GLU C 508 -0.55 3.88 8.58
CA GLU C 508 -0.42 3.50 9.97
C GLU C 508 -1.01 4.52 10.94
N ASN C 509 -1.32 5.72 10.46
CA ASN C 509 -2.05 6.67 11.30
C ASN C 509 -3.52 6.28 11.43
N CYS C 510 -4.10 5.71 10.37
CA CYS C 510 -5.47 5.21 10.40
C CYS C 510 -5.56 3.71 10.66
N HIS C 511 -4.46 2.97 10.44
CA HIS C 511 -4.45 1.52 10.58
C HIS C 511 -5.48 0.86 9.68
N HIS C 512 -5.63 1.38 8.47
CA HIS C 512 -6.57 0.85 7.49
C HIS C 512 -5.98 1.00 6.10
N TYR C 513 -6.64 0.37 5.12
CA TYR C 513 -6.20 0.43 3.72
C TYR C 513 -6.88 1.63 3.08
N THR C 514 -6.17 2.75 3.05
CA THR C 514 -6.70 4.00 2.52
C THR C 514 -6.26 4.20 1.08
N GLU C 515 -6.55 5.38 0.54
CA GLU C 515 -6.12 5.79 -0.79
C GLU C 515 -5.15 6.96 -0.66
N ALA C 516 -4.07 6.93 -1.43
CA ALA C 516 -3.02 7.93 -1.32
C ALA C 516 -2.65 8.46 -2.71
N GLU C 517 -1.85 9.52 -2.70
CA GLU C 517 -1.29 10.11 -3.91
C GLU C 517 0.21 10.25 -3.75
N ARG C 518 0.93 10.16 -4.86
CA ARG C 518 2.38 10.11 -4.84
C ARG C 518 2.95 11.19 -5.74
N SER C 519 4.19 11.59 -5.45
CA SER C 519 4.86 12.62 -6.22
C SER C 519 6.36 12.39 -6.19
N LEU C 520 7.05 12.96 -7.18
CA LEU C 520 8.51 12.88 -7.27
C LEU C 520 9.08 14.27 -7.46
N LEU C 521 10.19 14.55 -6.77
CA LEU C 521 10.88 15.82 -6.89
C LEU C 521 12.38 15.58 -7.02
N PHE C 522 13.05 16.47 -7.73
CA PHE C 522 14.49 16.39 -7.94
C PHE C 522 15.20 17.31 -6.96
N ASP C 523 16.19 16.77 -6.25
CA ASP C 523 16.99 17.56 -5.32
C ASP C 523 18.34 17.94 -5.90
N LYS C 524 19.13 16.95 -6.31
CA LYS C 524 20.43 17.17 -6.91
C LYS C 524 20.42 16.61 -8.34
N MET C 525 20.83 17.45 -9.29
CA MET C 525 20.90 17.05 -10.68
C MET C 525 22.36 16.88 -11.09
N PRO C 526 22.73 15.74 -11.66
CA PRO C 526 24.14 15.52 -12.01
C PRO C 526 24.62 16.41 -13.14
N GLU C 527 25.89 16.23 -13.54
CA GLU C 527 26.42 17.01 -14.64
C GLU C 527 25.67 16.70 -15.94
N VAL C 528 25.44 15.42 -16.19
CA VAL C 528 24.68 14.96 -17.35
C VAL C 528 23.58 14.05 -16.86
N ILE C 529 22.40 14.16 -17.48
CA ILE C 529 21.24 13.37 -17.08
C ILE C 529 20.86 12.48 -18.25
N THR C 530 20.77 11.17 -18.00
CA THR C 530 20.43 10.19 -19.01
C THR C 530 18.98 9.73 -18.82
N ILE C 531 18.30 9.49 -19.94
CA ILE C 531 16.90 9.08 -19.95
C ILE C 531 16.80 7.73 -20.64
N HIS C 532 16.16 6.78 -19.97
CA HIS C 532 16.00 5.42 -20.48
C HIS C 532 14.56 5.24 -20.95
N LEU C 533 14.39 4.89 -22.23
CA LEU C 533 13.08 4.75 -22.82
C LEU C 533 12.62 3.30 -22.75
N LYS C 534 11.44 3.09 -22.17
CA LYS C 534 10.87 1.75 -22.06
C LYS C 534 10.10 1.42 -23.35
N CYS C 535 10.89 1.17 -24.40
CA CYS C 535 10.31 0.90 -25.71
C CYS C 535 9.47 -0.37 -25.71
N PHE C 536 9.93 -1.41 -25.04
CA PHE C 536 9.21 -2.68 -25.01
C PHE C 536 7.85 -2.51 -24.33
N ALA C 537 6.85 -3.23 -24.84
CA ALA C 537 5.50 -3.20 -24.31
C ALA C 537 5.12 -4.59 -23.81
N ALA C 538 4.56 -4.64 -22.60
CA ALA C 538 4.20 -5.93 -22.01
C ALA C 538 3.12 -6.64 -22.82
N SER C 539 2.11 -5.89 -23.27
CA SER C 539 1.01 -6.45 -24.05
C SER C 539 0.32 -7.61 -23.33
N LEU C 550 8.45 -8.58 -25.02
CA LEU C 550 7.30 -9.25 -25.61
C LEU C 550 6.85 -8.54 -26.87
N SER C 551 7.28 -7.29 -27.03
CA SER C 551 6.91 -6.49 -28.18
C SER C 551 7.86 -5.30 -28.26
N LYS C 552 7.61 -4.41 -29.22
CA LYS C 552 8.42 -3.22 -29.40
C LYS C 552 7.61 -2.19 -30.17
N ILE C 553 7.58 -0.96 -29.66
CA ILE C 553 6.85 0.13 -30.30
C ILE C 553 7.81 0.90 -31.19
N ASN C 554 7.43 1.04 -32.47
CA ASN C 554 8.27 1.70 -33.46
C ASN C 554 7.88 3.16 -33.70
N THR C 555 7.02 3.72 -32.84
CA THR C 555 6.68 5.13 -32.95
C THR C 555 7.54 5.91 -31.98
N PRO C 556 8.49 6.71 -32.46
CA PRO C 556 9.38 7.43 -31.53
C PRO C 556 8.70 8.62 -30.87
N LEU C 557 9.47 9.37 -30.09
CA LEU C 557 9.00 10.59 -29.46
C LEU C 557 9.80 11.77 -30.01
N LEU C 558 9.14 12.92 -30.12
CA LEU C 558 9.84 14.13 -30.56
C LEU C 558 10.76 14.62 -29.46
N THR C 559 12.02 14.18 -29.49
CA THR C 559 12.97 14.55 -28.46
C THR C 559 13.49 15.96 -28.70
N PRO C 560 13.26 16.89 -27.77
CA PRO C 560 13.75 18.26 -27.99
C PRO C 560 15.25 18.35 -27.82
N LEU C 561 15.83 19.38 -28.43
CA LEU C 561 17.24 19.69 -28.27
C LEU C 561 17.51 20.60 -27.09
N LYS C 562 16.47 20.92 -26.31
CA LYS C 562 16.61 21.72 -25.10
C LYS C 562 15.72 21.11 -24.02
N LEU C 563 16.07 21.37 -22.77
CA LEU C 563 15.30 20.85 -21.65
C LEU C 563 15.44 21.80 -20.47
N SER C 564 14.48 21.70 -19.55
CA SER C 564 14.49 22.54 -18.35
C SER C 564 13.70 21.82 -17.27
N LEU C 565 14.36 21.51 -16.15
CA LEU C 565 13.75 20.81 -15.03
C LEU C 565 13.55 21.83 -13.91
N GLU C 566 12.42 22.54 -13.96
CA GLU C 566 12.07 23.50 -12.92
C GLU C 566 10.65 23.34 -12.41
N GLU C 567 9.75 22.70 -13.16
CA GLU C 567 8.41 22.43 -12.67
C GLU C 567 8.41 21.33 -11.63
N TRP C 568 9.23 20.29 -11.85
CA TRP C 568 9.32 19.15 -10.96
C TRP C 568 10.48 19.26 -9.98
N SER C 569 11.21 20.37 -9.98
CA SER C 569 12.34 20.53 -9.08
C SER C 569 11.89 20.96 -7.70
N THR C 570 12.79 20.83 -6.73
CA THR C 570 12.50 21.20 -5.35
C THR C 570 12.90 22.64 -5.04
N LYS C 571 13.88 23.18 -5.74
CA LYS C 571 14.37 24.52 -5.52
C LYS C 571 14.34 25.30 -6.82
N PRO C 572 14.17 26.63 -6.76
CA PRO C 572 14.18 27.43 -7.99
C PRO C 572 15.57 27.52 -8.61
N THR C 573 15.74 26.89 -9.76
CA THR C 573 17.01 26.89 -10.47
C THR C 573 16.78 27.28 -11.92
N ASN C 574 17.83 27.82 -12.54
CA ASN C 574 17.78 28.30 -13.93
C ASN C 574 18.96 27.70 -14.69
N ASP C 575 18.76 26.51 -15.24
CA ASP C 575 19.77 25.87 -16.07
C ASP C 575 19.08 25.02 -17.12
N SER C 576 19.69 24.94 -18.29
CA SER C 576 19.14 24.21 -19.42
C SER C 576 19.84 22.86 -19.56
N TYR C 577 19.48 22.13 -20.62
CA TYR C 577 20.04 20.80 -20.86
C TYR C 577 20.01 20.54 -22.35
N GLY C 578 21.19 20.42 -22.97
CA GLY C 578 21.30 20.22 -24.40
C GLY C 578 21.69 18.78 -24.72
N LEU C 579 20.95 18.20 -25.65
CA LEU C 579 21.23 16.83 -26.08
C LEU C 579 22.59 16.75 -26.76
N PHE C 580 23.35 15.69 -26.45
CA PHE C 580 24.67 15.53 -27.04
C PHE C 580 25.03 14.09 -27.41
N ALA C 581 24.14 13.12 -27.22
CA ALA C 581 24.43 11.73 -27.60
C ALA C 581 23.14 10.93 -27.57
N VAL C 582 22.98 10.06 -28.57
CA VAL C 582 21.80 9.20 -28.67
C VAL C 582 22.26 7.80 -29.06
N VAL C 583 21.70 6.78 -28.42
CA VAL C 583 21.94 5.39 -28.75
C VAL C 583 20.65 4.82 -29.31
N MET C 584 20.71 4.25 -30.51
CA MET C 584 19.53 3.84 -31.25
C MET C 584 19.57 2.36 -31.56
N HIS C 585 18.45 1.68 -31.38
CA HIS C 585 18.27 0.32 -31.84
C HIS C 585 17.90 0.32 -33.32
N SER C 586 17.87 -0.87 -33.92
CA SER C 586 17.51 -0.99 -35.32
C SER C 586 16.63 -2.20 -35.63
N GLY C 587 16.28 -3.02 -34.65
CA GLY C 587 15.54 -4.23 -34.88
C GLY C 587 14.04 -4.02 -34.87
N ILE C 588 13.30 -5.13 -34.97
CA ILE C 588 11.85 -5.13 -34.96
C ILE C 588 11.27 -5.93 -33.80
N THR C 589 12.11 -6.56 -32.99
CA THR C 589 11.65 -7.34 -31.85
C THR C 589 12.79 -7.44 -30.85
N ILE C 590 12.48 -7.97 -29.67
CA ILE C 590 13.54 -8.19 -28.69
C ILE C 590 14.15 -9.57 -28.90
N SER C 591 14.99 -9.70 -29.93
CA SER C 591 15.88 -10.83 -30.09
C SER C 591 17.26 -10.46 -30.60
N SER C 592 17.40 -9.33 -31.28
CA SER C 592 18.64 -8.93 -31.95
C SER C 592 18.48 -7.47 -32.37
N GLY C 593 19.44 -6.97 -33.13
CA GLY C 593 19.41 -5.60 -33.61
C GLY C 593 20.80 -4.98 -33.52
N HIS C 594 21.13 -4.18 -34.52
CA HIS C 594 22.45 -3.56 -34.62
C HIS C 594 22.38 -2.19 -33.96
N TYR C 595 23.03 -2.07 -32.80
CA TYR C 595 23.07 -0.79 -32.10
C TYR C 595 23.85 0.25 -32.90
N THR C 596 23.41 1.50 -32.79
CA THR C 596 24.09 2.61 -33.43
C THR C 596 24.11 3.79 -32.47
N ALA C 597 25.19 4.56 -32.52
CA ALA C 597 25.35 5.71 -31.64
C ALA C 597 25.80 6.92 -32.45
N SER C 598 25.22 8.09 -32.12
CA SER C 598 25.59 9.35 -32.74
C SER C 598 25.87 10.36 -31.64
N VAL C 599 27.04 11.01 -31.71
CA VAL C 599 27.48 11.92 -30.66
C VAL C 599 27.81 13.27 -31.27
N LYS C 600 27.35 14.33 -30.61
CA LYS C 600 27.70 15.69 -31.02
C LYS C 600 29.18 15.96 -30.76
N VAL C 601 29.77 16.78 -31.61
CA VAL C 601 31.13 17.24 -31.38
C VAL C 601 31.11 18.31 -30.29
N THR C 602 31.94 18.12 -29.27
CA THR C 602 31.92 19.01 -28.11
C THR C 602 32.84 20.22 -28.29
N ASP C 603 34.10 19.98 -28.62
CA ASP C 603 35.05 21.07 -28.81
C ASP C 603 36.20 20.66 -29.72
N LEU C 741 39.39 19.52 -36.79
CA LEU C 741 38.50 20.09 -35.78
C LEU C 741 38.08 21.51 -36.15
N LYS C 742 38.79 22.10 -37.12
CA LYS C 742 38.60 23.50 -37.46
C LYS C 742 37.21 23.79 -38.02
N GLU C 743 36.58 22.83 -38.68
CA GLU C 743 35.28 23.05 -39.29
C GLU C 743 34.24 22.00 -38.92
N TYR C 744 34.58 21.04 -38.05
CA TYR C 744 33.63 20.01 -37.66
C TYR C 744 32.74 20.44 -36.50
N GLU C 745 33.03 21.57 -35.85
CA GLU C 745 32.27 21.97 -34.67
C GLU C 745 30.81 22.24 -35.03
N GLY C 746 29.90 21.78 -34.16
CA GLY C 746 28.48 21.94 -34.38
C GLY C 746 27.87 20.97 -35.35
N LYS C 747 28.57 19.90 -35.71
CA LYS C 747 28.08 18.92 -36.69
C LYS C 747 28.05 17.55 -36.02
N TRP C 748 26.88 16.92 -36.01
CA TRP C 748 26.73 15.61 -35.39
C TRP C 748 27.51 14.55 -36.16
N LEU C 749 27.95 13.54 -35.45
CA LEU C 749 28.59 12.38 -36.05
C LEU C 749 27.58 11.24 -36.17
N LEU C 750 28.00 10.14 -36.80
CA LEU C 750 27.14 8.97 -36.96
C LEU C 750 28.05 7.75 -37.03
N PHE C 751 28.16 7.03 -35.92
CA PHE C 751 29.07 5.89 -35.81
C PHE C 751 28.37 4.63 -36.33
N ASP C 752 28.50 4.39 -37.63
CA ASP C 752 27.95 3.19 -38.24
C ASP C 752 28.92 2.04 -38.01
N ASP C 753 28.68 0.93 -38.70
CA ASP C 753 29.53 -0.26 -38.56
C ASP C 753 30.84 -0.03 -39.30
N SER C 754 31.90 0.27 -38.54
CA SER C 754 33.24 0.47 -39.08
C SER C 754 33.27 1.55 -40.16
N GLU C 755 32.52 2.63 -39.94
CA GLU C 755 32.52 3.76 -40.85
C GLU C 755 32.05 4.99 -40.09
N VAL C 756 32.78 6.09 -40.23
CA VAL C 756 32.48 7.34 -39.52
C VAL C 756 31.95 8.34 -40.54
N LYS C 757 30.73 8.81 -40.31
CA LYS C 757 30.06 9.73 -41.22
C LYS C 757 29.65 10.99 -40.47
N VAL C 758 29.85 12.13 -41.11
CA VAL C 758 29.60 13.43 -40.49
C VAL C 758 28.34 14.02 -41.14
N THR C 759 27.32 14.27 -40.33
CA THR C 759 26.07 14.84 -40.77
C THR C 759 25.92 16.25 -40.21
N GLU C 760 24.75 16.86 -40.47
CA GLU C 760 24.44 18.20 -40.01
C GLU C 760 23.34 18.15 -38.96
N GLU C 761 23.33 19.17 -38.09
CA GLU C 761 22.36 19.17 -36.99
C GLU C 761 20.93 19.24 -37.49
N LYS C 762 20.67 20.08 -38.50
CA LYS C 762 19.32 20.15 -39.05
C LYS C 762 18.94 18.85 -39.75
N ASP C 763 19.87 18.25 -40.48
CA ASP C 763 19.58 16.99 -41.16
C ASP C 763 19.32 15.86 -40.16
N PHE C 764 20.11 15.80 -39.09
CA PHE C 764 19.93 14.72 -38.12
C PHE C 764 18.63 14.86 -37.35
N LEU C 765 18.23 16.10 -37.04
CA LEU C 765 17.01 16.31 -36.26
C LEU C 765 15.77 15.81 -36.97
N ASN C 766 15.79 15.73 -38.30
CA ASN C 766 14.67 15.25 -39.08
C ASN C 766 14.67 13.72 -39.25
N SER C 767 15.62 13.02 -38.63
CA SER C 767 15.70 11.57 -38.77
C SER C 767 14.90 10.85 -37.70
N LEU C 768 15.23 11.07 -36.43
CA LEU C 768 14.57 10.38 -35.34
C LEU C 768 13.20 10.96 -35.01
N SER C 769 12.84 12.09 -35.58
CA SER C 769 11.51 12.65 -35.38
C SER C 769 10.47 11.77 -36.08
N PRO C 770 9.23 11.75 -35.58
CA PRO C 770 8.20 10.90 -36.18
C PRO C 770 7.58 11.46 -37.44
N SER C 771 8.14 12.52 -38.03
CA SER C 771 7.62 13.04 -39.28
C SER C 771 7.74 12.01 -40.40
N THR C 772 8.87 11.32 -40.48
CA THR C 772 9.08 10.23 -41.42
C THR C 772 9.29 8.95 -40.63
N SER C 773 8.49 7.92 -40.94
CA SER C 773 8.55 6.65 -40.23
C SER C 773 9.94 6.03 -40.36
N PRO C 774 10.70 5.97 -39.28
CA PRO C 774 12.07 5.47 -39.34
C PRO C 774 12.14 3.97 -39.04
N THR C 775 13.35 3.43 -39.23
CA THR C 775 13.65 2.07 -38.81
C THR C 775 14.30 2.05 -37.43
N SER C 776 15.21 2.99 -37.17
CA SER C 776 15.87 3.08 -35.88
C SER C 776 14.96 3.76 -34.86
N THR C 777 14.97 3.23 -33.64
CA THR C 777 14.17 3.78 -32.55
C THR C 777 15.10 4.24 -31.43
N PRO C 778 15.03 5.49 -30.98
CA PRO C 778 15.91 5.93 -29.88
C PRO C 778 15.69 5.10 -28.63
N TYR C 779 16.77 4.82 -27.93
CA TYR C 779 16.74 3.99 -26.73
C TYR C 779 17.26 4.71 -25.50
N LEU C 780 18.33 5.50 -25.62
CA LEU C 780 18.87 6.29 -24.53
C LEU C 780 19.16 7.70 -25.01
N LEU C 781 18.95 8.67 -24.14
CA LEU C 781 19.21 10.07 -24.44
C LEU C 781 20.08 10.67 -23.34
N PHE C 782 21.18 11.30 -23.73
CA PHE C 782 22.12 11.89 -22.80
C PHE C 782 22.09 13.41 -22.94
N TYR C 783 21.82 14.10 -21.83
CA TYR C 783 21.61 15.55 -21.83
C TYR C 783 22.73 16.21 -21.02
N LYS C 784 23.78 16.63 -21.71
CA LYS C 784 24.84 17.39 -21.05
C LYS C 784 24.33 18.77 -20.67
N LYS C 785 24.74 19.25 -19.51
CA LYS C 785 24.32 20.56 -19.05
C LYS C 785 24.87 21.65 -19.95
N LEU C 786 24.20 22.80 -19.94
CA LEU C 786 24.55 23.95 -20.77
C LEU C 786 24.55 23.59 -22.25
N20 A1A4Y D . 23.17 -7.24 -31.02
C21 A1A4Y D . 24.53 -7.66 -31.27
C25 A1A4Y D . 24.94 -6.38 -33.44
S26 A1A4Y D . 25.11 -7.92 -34.38
C35 A1A4Y D . 25.45 -7.56 -36.12
O36 A1A4Y D . 26.12 -8.80 -33.81
O35 A1A4Y D . 23.92 -8.76 -34.25
C22 A1A4Y D . 25.36 -6.58 -31.98
ZN ZN E . -4.14 8.06 6.99
C10 A1BHF F . 35.20 7.87 -29.71
C15 A1BHF F . 36.17 3.87 -34.71
C17 A1BHF F . 35.84 3.26 -37.14
C22 A1BHF F . 37.52 4.84 -36.17
C26 A1BHF F . 38.36 7.71 -34.91
C28 A1BHF F . 36.62 9.36 -34.60
C01 A1BHF F . 36.51 0.78 -29.50
C03 A1BHF F . 36.07 3.07 -29.81
C05 A1BHF F . 35.75 4.33 -27.90
C07 A1BHF F . 35.65 5.43 -29.94
C08 A1BHF F . 35.45 6.74 -30.71
C09 A1BHF F . 36.09 8.12 -30.93
C11 A1BHF F . 35.90 4.21 -30.59
C12 A1BHF F . 35.99 4.10 -32.00
C14 A1BHF F . 35.18 3.14 -33.97
C18 A1BHF F . 36.74 2.07 -37.56
C25 A1BHF F . 38.93 6.27 -34.63
C27 A1BHF F . 37.14 8.09 -34.35
C29 A1BHF F . 37.33 10.26 -35.41
C30 A1BHF F . 38.56 9.88 -35.98
C31 A1BHF F . 39.08 8.60 -35.73
C32 A1BHF F . 36.81 11.56 -35.66
C34 A1BHF F . 36.26 13.63 -35.38
C35 A1BHF F . 35.86 13.22 -36.65
C37 A1BHF F . 35.98 11.11 -37.98
C38 A1BHF F . 36.06 15.03 -34.76
C42 A1BHF F . 37.01 4.70 -34.02
F19 A1BHF F . 37.77 1.93 -36.68
F20 A1BHF F . 36.00 0.91 -37.57
F21 A1BHF F . 37.23 2.30 -38.81
F39 A1BHF F . 34.99 15.02 -33.93
F40 A1BHF F . 37.18 15.38 -34.05
F41 A1BHF F . 35.85 15.95 -35.75
N04 A1BHF F . 36.00 3.16 -28.49
N06 A1BHF F . 35.59 5.44 -28.61
N13 A1BHF F . 35.14 3.28 -32.64
N16 A1BHF F . 36.49 3.97 -36.04
N23 A1BHF F . 38.08 5.17 -37.25
N24 A1BHF F . 37.86 5.29 -34.94
N33 A1BHF F . 36.84 12.58 -34.80
N36 A1BHF F . 36.21 11.94 -36.79
N43 A1BHF F . 36.92 4.81 -32.66
O02 A1BHF F . 36.33 1.84 -30.41
#